data_5K6W
#
_entry.id   5K6W
#
_cell.length_a   70.140
_cell.length_b   152.870
_cell.length_c   158.970
_cell.angle_alpha   90.00
_cell.angle_beta   90.00
_cell.angle_gamma   90.00
#
_symmetry.space_group_name_H-M   'P 21 21 21'
#
loop_
_entity.id
_entity.type
_entity.pdbx_description
1 polymer 'Protein sidekick-1'
2 branched alpha-L-fucopyranose-(1-6)-2-acetamido-2-deoxy-beta-D-glucopyranose
3 branched 2-acetamido-2-deoxy-beta-D-glucopyranose-(1-4)-2-acetamido-2-deoxy-beta-D-glucopyranose
4 non-polymer 2-acetamido-2-deoxy-beta-D-glucopyranose
5 non-polymer GLYCEROL
6 non-polymer 'SULFATE ION'
7 water water
#
_entity_poly.entity_id   1
_entity_poly.type   'polypeptide(L)'
_entity_poly.pdbx_seq_one_letter_code
;GPALAQDDVAPYFKTEPGLPQIHLEGNRLVLTCLAEGSWPLEFKWIRNDSELTTYSSEYKYIIPSLQKLDAGFYRCVVRN
RMGALLQRKSEIQVAYMGNFMDTDQRKTVSQGHAALLNLLPIVSCPQPQVTWFREGHKIIPSSRIAITLENQLVILATTA
SDAGAYYVQAVNEKNGENKTSPFIHLSVARDTGTHEAMAPIIVVAPGNRSVVAGSSETTLECIANARPVEELSVHWKRNG
VRLTSGLHSYGRRLTITNPTSADTGMYVCEATLRGSTFEPARARAFLSIIEPPYFTAEPESRILGEVEETMDIPCRAMGV
PLPTLQWYKDAVPLSKLQNPRYKVLPSGGLHIQKLSPEDSGIFQCFASNEGGEVQTHTYLDVTNIAPAFTQRPVDTTVTD
GMTAVLRCEVSGAPKPAITWKRGNHILASGSVRIPRFMLLESGGLRIAPVFIQDAGNYTCYAANTEASVNASAMLTVWNR
T
;
_entity_poly.pdbx_strand_id   A,B
#
loop_
_chem_comp.id
_chem_comp.type
_chem_comp.name
_chem_comp.formula
FUC L-saccharide, alpha linking alpha-L-fucopyranose 'C6 H12 O5'
GOL non-polymer GLYCEROL 'C3 H8 O3'
NAG D-saccharide, beta linking 2-acetamido-2-deoxy-beta-D-glucopyranose 'C8 H15 N O6'
SO4 non-polymer 'SULFATE ION' 'O4 S -2'
#
# COMPACT_ATOMS: atom_id res chain seq x y z
N GLN A 6 11.39 24.57 25.48
CA GLN A 6 11.55 25.95 25.02
C GLN A 6 10.19 26.56 24.69
N ASP A 7 9.94 27.76 25.21
CA ASP A 7 8.63 28.37 25.14
C ASP A 7 8.30 28.84 23.72
N ASP A 8 7.01 29.06 23.49
CA ASP A 8 6.42 29.71 22.30
C ASP A 8 6.21 28.75 21.13
N VAL A 9 6.17 27.45 21.39
CA VAL A 9 6.01 26.45 20.33
C VAL A 9 4.79 25.59 20.65
N ALA A 10 3.76 25.70 19.82
CA ALA A 10 2.58 24.85 19.97
C ALA A 10 2.95 23.39 19.73
N PRO A 11 2.12 22.45 20.19
CA PRO A 11 2.42 21.03 20.00
C PRO A 11 2.32 20.63 18.52
N TYR A 12 2.99 19.52 18.21
CA TYR A 12 2.94 18.89 16.90
C TYR A 12 3.58 17.51 17.01
N PHE A 13 3.00 16.54 16.30
CA PHE A 13 3.43 15.15 16.42
C PHE A 13 4.72 14.90 15.64
N LYS A 14 5.55 14.01 16.18
CA LYS A 14 6.74 13.59 15.44
C LYS A 14 6.44 12.46 14.48
N THR A 15 5.43 11.63 14.79
CA THR A 15 5.03 10.53 13.92
C THR A 15 3.55 10.25 14.13
N GLU A 16 2.88 9.87 13.05
CA GLU A 16 1.46 9.53 13.07
C GLU A 16 1.28 8.02 12.96
N PRO A 17 0.14 7.49 13.44
CA PRO A 17 -0.10 6.05 13.36
C PRO A 17 -0.02 5.54 11.93
N GLY A 18 0.34 4.26 11.82
CA GLY A 18 0.45 3.60 10.53
C GLY A 18 -0.81 2.83 10.17
N LEU A 19 -0.68 2.00 9.14
CA LEU A 19 -1.80 1.24 8.63
C LEU A 19 -2.29 0.24 9.68
N PRO A 20 -3.56 -0.17 9.61
CA PRO A 20 -4.09 -1.09 10.61
C PRO A 20 -3.43 -2.47 10.53
N GLN A 21 -3.24 -3.07 11.69
CA GLN A 21 -2.71 -4.42 11.81
C GLN A 21 -3.61 -5.23 12.73
N ILE A 22 -3.68 -6.54 12.48
CA ILE A 22 -4.40 -7.46 13.33
C ILE A 22 -3.43 -8.03 14.36
N HIS A 23 -3.82 -8.01 15.63
CA HIS A 23 -2.99 -8.50 16.72
C HIS A 23 -3.60 -9.74 17.34
N LEU A 24 -2.76 -10.56 17.95
CA LEU A 24 -3.20 -11.81 18.56
C LEU A 24 -3.67 -11.58 19.99
N GLU A 25 -4.64 -12.39 20.41
CA GLU A 25 -5.14 -12.33 21.78
C GLU A 25 -4.01 -12.64 22.75
N GLY A 26 -3.88 -11.82 23.79
CA GLY A 26 -2.88 -12.03 24.80
C GLY A 26 -1.53 -11.42 24.52
N ASN A 27 -1.39 -10.65 23.45
CA ASN A 27 -0.13 -10.00 23.15
C ASN A 27 -0.07 -8.61 23.80
N ARG A 28 1.15 -8.11 23.95
CA ARG A 28 1.39 -6.81 24.55
C ARG A 28 1.28 -5.73 23.48
N LEU A 29 0.52 -4.69 23.76
CA LEU A 29 0.27 -3.61 22.81
C LEU A 29 0.79 -2.31 23.38
N VAL A 30 1.56 -1.57 22.59
CA VAL A 30 2.17 -0.33 23.03
C VAL A 30 1.82 0.76 22.03
N LEU A 31 1.06 1.76 22.47
CA LEU A 31 0.75 2.94 21.68
C LEU A 31 1.56 4.11 22.23
N THR A 32 2.15 4.89 21.34
CA THR A 32 2.96 6.04 21.74
C THR A 32 2.35 7.32 21.18
N CYS A 33 2.53 8.39 21.94
CA CYS A 33 2.07 9.74 21.56
C CYS A 33 3.32 10.61 21.48
N LEU A 34 4.06 10.45 20.37
CA LEU A 34 5.34 11.12 20.20
C LEU A 34 5.09 12.48 19.56
N ALA A 35 5.03 13.52 20.40
CA ALA A 35 4.84 14.89 19.94
C ALA A 35 5.92 15.77 20.56
N GLU A 36 6.25 16.84 19.85
CA GLU A 36 7.18 17.84 20.33
C GLU A 36 6.46 19.18 20.44
N GLY A 37 7.02 20.06 21.25
CA GLY A 37 6.44 21.37 21.47
C GLY A 37 6.88 21.93 22.81
N SER A 38 6.48 23.18 23.04
CA SER A 38 6.87 23.88 24.26
C SER A 38 6.33 23.15 25.48
N TRP A 39 7.24 22.72 26.35
CA TRP A 39 6.88 22.09 27.62
C TRP A 39 6.19 23.10 28.53
N PRO A 40 5.38 22.62 29.50
CA PRO A 40 5.10 21.23 29.85
C PRO A 40 4.03 20.55 28.99
N LEU A 41 4.39 19.43 28.39
CA LEU A 41 3.47 18.64 27.57
C LEU A 41 2.72 17.63 28.42
N GLU A 42 1.44 17.45 28.12
CA GLU A 42 0.59 16.47 28.77
C GLU A 42 -0.13 15.66 27.70
N PHE A 43 -0.55 14.47 28.08
CA PHE A 43 -1.12 13.51 27.13
C PHE A 43 -2.37 12.86 27.72
N LYS A 44 -3.38 12.69 26.86
CA LYS A 44 -4.60 11.99 27.21
C LYS A 44 -4.87 10.93 26.15
N TRP A 45 -5.56 9.86 26.54
CA TRP A 45 -5.87 8.76 25.63
C TRP A 45 -7.38 8.57 25.52
N ILE A 46 -7.83 8.26 24.31
CA ILE A 46 -9.25 8.16 23.97
C ILE A 46 -9.46 6.87 23.18
N ARG A 47 -10.50 6.12 23.55
CA ARG A 47 -10.96 4.97 22.78
C ARG A 47 -12.45 5.12 22.54
N ASN A 48 -12.83 5.27 21.27
CA ASN A 48 -14.24 5.29 20.87
C ASN A 48 -14.99 6.45 21.52
N ASP A 49 -14.47 7.67 21.32
CA ASP A 49 -15.08 8.88 21.86
C ASP A 49 -15.29 8.77 23.37
N SER A 50 -14.33 8.12 24.04
CA SER A 50 -14.33 7.98 25.49
C SER A 50 -12.91 8.05 26.00
N GLU A 51 -12.67 8.89 27.01
CA GLU A 51 -11.35 9.03 27.56
C GLU A 51 -10.97 7.79 28.36
N LEU A 52 -9.77 7.26 28.08
CA LEU A 52 -9.23 6.16 28.87
C LEU A 52 -8.43 6.68 30.06
N THR A 53 -7.54 7.62 29.82
CA THR A 53 -6.67 8.20 30.84
C THR A 53 -6.99 9.69 30.97
N THR A 54 -6.46 10.29 32.02
CA THR A 54 -6.47 11.74 32.16
C THR A 54 -5.17 12.30 31.59
N TYR A 55 -5.04 13.63 31.62
CA TYR A 55 -3.80 14.25 31.19
C TYR A 55 -2.68 13.95 32.19
N SER A 56 -1.52 13.57 31.66
CA SER A 56 -0.38 13.23 32.49
C SER A 56 0.87 13.35 31.65
N SER A 57 2.02 13.19 32.30
CA SER A 57 3.31 13.23 31.64
C SER A 57 3.72 11.89 31.05
N GLU A 58 2.81 10.91 31.01
CA GLU A 58 3.08 9.60 30.44
C GLU A 58 2.56 9.60 29.00
N TYR A 59 3.47 9.48 28.04
CA TYR A 59 3.13 9.49 26.63
C TYR A 59 2.85 8.10 26.07
N LYS A 60 3.01 7.05 26.88
CA LYS A 60 2.77 5.69 26.45
C LYS A 60 1.41 5.18 26.93
N TYR A 61 0.90 4.18 26.22
CA TYR A 61 -0.25 3.40 26.67
C TYR A 61 0.03 1.94 26.39
N ILE A 62 -0.03 1.11 27.41
CA ILE A 62 0.39 -0.29 27.32
C ILE A 62 -0.74 -1.20 27.79
N ILE A 63 -1.07 -2.17 26.96
CA ILE A 63 -1.98 -3.26 27.30
C ILE A 63 -1.14 -4.53 27.41
N PRO A 64 -0.91 -5.05 28.61
CA PRO A 64 -0.03 -6.23 28.73
C PRO A 64 -0.57 -7.46 28.04
N SER A 65 -1.87 -7.72 28.14
CA SER A 65 -2.51 -8.84 27.47
C SER A 65 -3.70 -8.31 26.68
N LEU A 66 -3.57 -8.29 25.35
CA LEU A 66 -4.64 -7.80 24.51
C LEU A 66 -5.75 -8.84 24.41
N GLN A 67 -6.99 -8.40 24.63
CA GLN A 67 -8.15 -9.28 24.58
C GLN A 67 -9.08 -8.87 23.45
N LYS A 68 -10.06 -9.73 23.17
CA LYS A 68 -11.00 -9.45 22.10
C LYS A 68 -11.77 -8.16 22.38
N LEU A 69 -12.15 -7.94 23.64
CA LEU A 69 -12.97 -6.78 23.97
C LEU A 69 -12.18 -5.49 23.90
N ASP A 70 -10.86 -5.56 24.05
CA ASP A 70 -10.03 -4.36 24.00
C ASP A 70 -9.85 -3.83 22.59
N ALA A 71 -10.42 -4.48 21.59
CA ALA A 71 -10.32 -4.00 20.22
C ALA A 71 -11.18 -2.77 20.01
N GLY A 72 -10.75 -1.90 19.12
CA GLY A 72 -11.45 -0.65 18.88
C GLY A 72 -10.50 0.37 18.27
N PHE A 73 -10.90 1.64 18.35
CA PHE A 73 -10.12 2.73 17.79
C PHE A 73 -9.52 3.57 18.91
N TYR A 74 -8.21 3.81 18.84
CA TYR A 74 -7.49 4.53 19.87
C TYR A 74 -6.85 5.79 19.29
N ARG A 75 -6.64 6.78 20.16
CA ARG A 75 -6.00 8.03 19.74
C ARG A 75 -5.55 8.78 20.98
N CYS A 76 -4.57 9.66 20.79
CA CYS A 76 -4.04 10.46 21.88
C CYS A 76 -4.23 11.94 21.59
N VAL A 77 -4.27 12.72 22.67
CA VAL A 77 -4.38 14.17 22.62
C VAL A 77 -3.21 14.75 23.38
N VAL A 78 -2.49 15.67 22.74
CA VAL A 78 -1.32 16.32 23.34
C VAL A 78 -1.70 17.76 23.66
N ARG A 79 -1.24 18.25 24.80
CA ARG A 79 -1.66 19.57 25.25
C ARG A 79 -0.54 20.26 26.02
N ASN A 80 -0.31 21.54 25.71
CA ASN A 80 0.50 22.37 26.59
C ASN A 80 -0.23 23.69 26.88
N ARG A 81 0.53 24.76 27.14
CA ARG A 81 -0.09 26.04 27.44
C ARG A 81 -0.73 26.69 26.21
N MET A 82 -0.29 26.29 25.01
CA MET A 82 -0.80 26.92 23.78
C MET A 82 -2.15 26.37 23.38
N GLY A 83 -2.31 25.05 23.39
CA GLY A 83 -3.56 24.44 22.99
C GLY A 83 -3.45 22.94 23.01
N ALA A 84 -4.41 22.29 22.34
CA ALA A 84 -4.47 20.83 22.29
C ALA A 84 -4.51 20.38 20.83
N LEU A 85 -3.94 19.20 20.59
CA LEU A 85 -3.83 18.63 19.26
C LEU A 85 -4.21 17.16 19.32
N LEU A 86 -5.02 16.71 18.37
CA LEU A 86 -5.59 15.38 18.38
C LEU A 86 -4.91 14.52 17.32
N GLN A 87 -4.47 13.34 17.73
CA GLN A 87 -3.80 12.39 16.84
C GLN A 87 -4.81 11.70 15.93
N ARG A 88 -4.31 11.19 14.81
CA ARG A 88 -5.13 10.37 13.94
C ARG A 88 -5.47 9.06 14.65
N LYS A 89 -6.70 8.61 14.45
CA LYS A 89 -7.14 7.35 15.05
C LYS A 89 -6.30 6.20 14.52
N SER A 90 -6.10 5.18 15.36
CA SER A 90 -5.44 3.95 14.96
C SER A 90 -6.37 2.79 15.29
N GLU A 91 -6.48 1.86 14.34
CA GLU A 91 -7.45 0.77 14.43
C GLU A 91 -6.77 -0.46 15.02
N ILE A 92 -7.22 -0.86 16.20
CA ILE A 92 -6.71 -2.04 16.90
C ILE A 92 -7.72 -3.16 16.71
N GLN A 93 -7.34 -4.13 15.88
CA GLN A 93 -8.13 -5.33 15.62
C GLN A 93 -7.51 -6.53 16.33
N VAL A 94 -8.35 -7.42 16.82
CA VAL A 94 -7.91 -8.59 17.57
C VAL A 94 -8.38 -9.84 16.82
N ALA A 95 -7.47 -10.79 16.65
CA ALA A 95 -7.80 -12.05 15.99
C ALA A 95 -8.46 -13.00 16.98
N TYR A 96 -9.61 -13.53 16.59
CA TYR A 96 -10.33 -14.48 17.41
C TYR A 96 -11.00 -15.50 16.52
N MET A 97 -11.40 -16.62 17.13
CA MET A 97 -12.13 -17.67 16.41
C MET A 97 -13.02 -18.38 17.41
N GLY A 98 -14.33 -18.18 17.28
CA GLY A 98 -15.30 -18.84 18.14
C GLY A 98 -15.59 -20.24 17.68
N ASN A 99 -16.78 -20.72 18.02
CA ASN A 99 -17.22 -22.06 17.63
C ASN A 99 -18.46 -21.96 16.76
N PHE A 100 -18.82 -23.08 16.15
CA PHE A 100 -20.06 -23.16 15.40
C PHE A 100 -21.24 -23.34 16.35
N MET A 101 -22.42 -23.00 15.86
CA MET A 101 -23.63 -23.27 16.63
C MET A 101 -23.93 -24.76 16.60
N ASP A 102 -23.93 -25.38 17.80
CA ASP A 102 -23.86 -26.83 17.94
C ASP A 102 -25.21 -27.47 17.66
N THR A 103 -25.52 -27.62 16.37
CA THR A 103 -26.71 -28.36 15.96
C THR A 103 -26.58 -28.75 14.50
N ASP A 104 -27.05 -29.96 14.17
CA ASP A 104 -27.04 -30.43 12.81
C ASP A 104 -28.21 -29.85 12.02
N GLN A 105 -28.03 -29.76 10.71
CA GLN A 105 -29.06 -29.27 9.80
C GLN A 105 -29.24 -30.26 8.67
N ARG A 106 -30.39 -30.16 7.99
CA ARG A 106 -30.71 -31.05 6.88
C ARG A 106 -31.12 -30.24 5.66
N LYS A 107 -30.81 -30.77 4.48
CA LYS A 107 -31.13 -30.11 3.22
C LYS A 107 -31.42 -31.15 2.16
N THR A 108 -32.29 -30.78 1.21
CA THR A 108 -32.73 -31.67 0.14
C THR A 108 -32.61 -30.95 -1.20
N VAL A 109 -32.12 -31.66 -2.21
CA VAL A 109 -32.04 -31.14 -3.57
C VAL A 109 -32.53 -32.20 -4.54
N SER A 110 -33.28 -31.77 -5.56
CA SER A 110 -33.75 -32.69 -6.58
C SER A 110 -32.66 -32.99 -7.58
N GLN A 111 -32.59 -34.26 -8.01
CA GLN A 111 -31.50 -34.75 -8.85
C GLN A 111 -31.33 -33.89 -10.09
N GLY A 112 -30.16 -33.27 -10.20
CA GLY A 112 -29.82 -32.41 -11.32
C GLY A 112 -29.65 -30.96 -10.93
N HIS A 113 -30.33 -30.52 -9.87
CA HIS A 113 -30.20 -29.15 -9.41
C HIS A 113 -28.85 -28.92 -8.75
N ALA A 114 -28.60 -27.67 -8.37
CA ALA A 114 -27.39 -27.32 -7.63
C ALA A 114 -27.69 -27.36 -6.13
N ALA A 115 -26.74 -27.87 -5.37
CA ALA A 115 -26.84 -27.94 -3.91
C ALA A 115 -25.88 -26.92 -3.31
N LEU A 116 -26.44 -25.94 -2.59
CA LEU A 116 -25.66 -24.86 -1.99
C LEU A 116 -25.65 -25.03 -0.49
N LEU A 117 -24.49 -25.35 0.06
CA LEU A 117 -24.30 -25.53 1.50
C LEU A 117 -23.56 -24.30 2.03
N ASN A 118 -24.22 -23.57 2.94
CA ASN A 118 -23.63 -22.38 3.53
C ASN A 118 -22.80 -22.76 4.75
N LEU A 119 -21.67 -22.07 4.90
CA LEU A 119 -20.85 -22.24 6.10
C LEU A 119 -21.69 -21.94 7.33
N LEU A 120 -21.78 -22.92 8.23
CA LEU A 120 -22.58 -22.74 9.44
C LEU A 120 -22.05 -21.57 10.27
N PRO A 121 -22.91 -20.96 11.08
CA PRO A 121 -22.53 -19.71 11.77
C PRO A 121 -21.31 -19.90 12.67
N ILE A 122 -20.37 -18.97 12.56
CA ILE A 122 -19.17 -18.97 13.39
C ILE A 122 -18.55 -17.57 13.34
N VAL A 123 -18.35 -16.97 14.51
CA VAL A 123 -17.72 -15.65 14.59
C VAL A 123 -16.22 -15.84 14.61
N SER A 124 -15.52 -15.12 13.72
CA SER A 124 -14.08 -15.25 13.62
C SER A 124 -13.50 -14.02 12.94
N CYS A 125 -12.41 -13.51 13.50
CA CYS A 125 -11.68 -12.40 12.88
C CYS A 125 -10.23 -12.80 12.68
N PRO A 126 -9.77 -12.78 11.42
CA PRO A 126 -10.57 -12.48 10.23
C PRO A 126 -11.42 -13.66 9.76
N GLN A 127 -11.93 -13.56 8.54
CA GLN A 127 -12.76 -14.63 7.99
C GLN A 127 -11.93 -15.92 7.87
N PRO A 128 -12.45 -17.06 8.31
CA PRO A 128 -11.66 -18.28 8.29
C PRO A 128 -11.63 -18.93 6.91
N GLN A 129 -10.52 -19.58 6.62
CA GLN A 129 -10.45 -20.46 5.46
C GLN A 129 -11.10 -21.79 5.82
N VAL A 130 -11.71 -22.43 4.83
CA VAL A 130 -12.50 -23.63 5.08
C VAL A 130 -12.01 -24.78 4.21
N THR A 131 -12.24 -26.00 4.70
CA THR A 131 -12.03 -27.22 3.94
C THR A 131 -13.26 -28.10 4.11
N TRP A 132 -13.91 -28.44 2.99
CA TRP A 132 -15.17 -29.15 3.04
C TRP A 132 -14.96 -30.66 2.92
N PHE A 133 -15.77 -31.41 3.67
CA PHE A 133 -15.68 -32.85 3.77
C PHE A 133 -17.05 -33.49 3.60
N ARG A 134 -17.06 -34.68 3.02
CA ARG A 134 -18.25 -35.51 2.92
C ARG A 134 -17.85 -36.94 3.25
N GLU A 135 -18.39 -37.46 4.35
CA GLU A 135 -18.10 -38.82 4.81
C GLU A 135 -16.60 -39.05 4.97
N GLY A 136 -15.94 -38.10 5.63
CA GLY A 136 -14.52 -38.23 5.93
C GLY A 136 -13.58 -38.06 4.76
N HIS A 137 -14.04 -37.48 3.65
CA HIS A 137 -13.23 -37.28 2.46
C HIS A 137 -13.16 -35.79 2.12
N LYS A 138 -11.95 -35.31 1.85
CA LYS A 138 -11.75 -33.91 1.52
C LYS A 138 -12.30 -33.61 0.13
N ILE A 139 -13.26 -32.69 0.06
CA ILE A 139 -13.86 -32.30 -1.22
C ILE A 139 -12.98 -31.26 -1.87
N ILE A 140 -12.42 -31.60 -3.04
CA ILE A 140 -11.54 -30.71 -3.78
C ILE A 140 -12.33 -30.12 -4.94
N PRO A 141 -12.22 -28.82 -5.20
CA PRO A 141 -13.01 -28.21 -6.27
C PRO A 141 -12.71 -28.81 -7.63
N SER A 142 -13.76 -28.99 -8.43
CA SER A 142 -13.65 -29.50 -9.79
C SER A 142 -14.60 -28.70 -10.68
N SER A 143 -14.81 -29.19 -11.91
CA SER A 143 -15.78 -28.53 -12.78
C SER A 143 -17.20 -28.67 -12.25
N ARG A 144 -17.45 -29.66 -11.41
CA ARG A 144 -18.78 -29.92 -10.88
C ARG A 144 -18.96 -29.42 -9.44
N ILE A 145 -17.86 -29.17 -8.73
CA ILE A 145 -17.90 -28.78 -7.32
C ILE A 145 -17.06 -27.53 -7.14
N ALA A 146 -17.62 -26.50 -6.51
CA ALA A 146 -16.94 -25.25 -6.30
C ALA A 146 -17.08 -24.80 -4.85
N ILE A 147 -16.10 -24.01 -4.39
CA ILE A 147 -16.17 -23.35 -3.10
C ILE A 147 -16.17 -21.85 -3.34
N THR A 148 -17.24 -21.17 -2.95
CA THR A 148 -17.40 -19.75 -3.23
C THR A 148 -16.36 -18.93 -2.46
N LEU A 149 -16.32 -17.63 -2.79
CA LEU A 149 -15.49 -16.72 -2.01
C LEU A 149 -16.01 -16.59 -0.59
N GLU A 150 -17.32 -16.83 -0.38
CA GLU A 150 -17.93 -16.76 0.94
C GLU A 150 -17.96 -18.12 1.63
N ASN A 151 -17.02 -19.01 1.29
CA ASN A 151 -16.85 -20.31 1.95
C ASN A 151 -18.04 -21.24 1.77
N GLN A 152 -18.91 -20.98 0.80
CA GLN A 152 -20.03 -21.87 0.53
C GLN A 152 -19.59 -22.99 -0.40
N LEU A 153 -20.14 -24.18 -0.19
CA LEU A 153 -19.91 -25.31 -1.07
C LEU A 153 -21.07 -25.41 -2.06
N VAL A 154 -20.74 -25.53 -3.34
CA VAL A 154 -21.74 -25.60 -4.39
C VAL A 154 -21.49 -26.86 -5.21
N ILE A 155 -22.47 -27.76 -5.22
CA ILE A 155 -22.40 -28.99 -6.01
C ILE A 155 -23.31 -28.81 -7.21
N LEU A 156 -22.75 -28.90 -8.41
CA LEU A 156 -23.54 -28.77 -9.63
C LEU A 156 -24.06 -30.13 -10.06
N ALA A 157 -25.27 -30.14 -10.61
CA ALA A 157 -25.90 -31.34 -11.20
C ALA A 157 -25.79 -32.53 -10.24
N THR A 158 -26.49 -32.39 -9.11
CA THR A 158 -26.40 -33.39 -8.06
C THR A 158 -27.03 -34.71 -8.47
N THR A 159 -26.38 -35.80 -8.12
CA THR A 159 -26.91 -37.15 -8.30
C THR A 159 -27.19 -37.78 -6.94
N ALA A 160 -27.80 -38.96 -6.97
CA ALA A 160 -28.07 -39.67 -5.73
C ALA A 160 -26.77 -40.04 -5.01
N SER A 161 -25.68 -40.21 -5.77
CA SER A 161 -24.38 -40.50 -5.18
C SER A 161 -23.78 -39.30 -4.45
N ASP A 162 -24.41 -38.13 -4.55
CA ASP A 162 -23.95 -36.95 -3.84
C ASP A 162 -24.60 -36.80 -2.47
N ALA A 163 -25.60 -37.63 -2.15
CA ALA A 163 -26.25 -37.54 -0.85
C ALA A 163 -25.32 -38.02 0.25
N GLY A 164 -25.49 -37.47 1.43
CA GLY A 164 -24.65 -37.82 2.57
C GLY A 164 -24.50 -36.65 3.51
N ALA A 165 -23.76 -36.88 4.58
CA ALA A 165 -23.52 -35.88 5.61
C ALA A 165 -22.26 -35.09 5.26
N TYR A 166 -22.42 -33.77 5.17
CA TYR A 166 -21.30 -32.88 4.87
C TYR A 166 -20.91 -32.12 6.13
N TYR A 167 -19.64 -31.74 6.21
CA TYR A 167 -19.20 -30.88 7.30
C TYR A 167 -17.96 -30.13 6.85
N VAL A 168 -17.63 -29.06 7.57
CA VAL A 168 -16.53 -28.21 7.18
C VAL A 168 -15.55 -28.09 8.34
N GLN A 169 -14.29 -27.83 8.01
CA GLN A 169 -13.26 -27.54 8.99
C GLN A 169 -12.73 -26.14 8.71
N ALA A 170 -12.89 -25.24 9.67
CA ALA A 170 -12.51 -23.84 9.53
C ALA A 170 -11.23 -23.56 10.30
N VAL A 171 -10.34 -22.80 9.68
CA VAL A 171 -9.03 -22.46 10.22
C VAL A 171 -8.85 -20.96 10.13
N ASN A 172 -8.42 -20.35 11.22
CA ASN A 172 -8.14 -18.92 11.27
C ASN A 172 -6.68 -18.69 10.89
N GLU A 173 -6.46 -17.97 9.78
CA GLU A 173 -5.11 -17.82 9.24
C GLU A 173 -4.21 -16.95 10.11
N LYS A 174 -4.75 -16.22 11.07
CA LYS A 174 -3.92 -15.35 11.89
C LYS A 174 -3.40 -16.04 13.14
N ASN A 175 -4.22 -16.84 13.82
CA ASN A 175 -3.79 -17.51 15.04
C ASN A 175 -3.77 -19.03 14.93
N GLY A 176 -4.21 -19.60 13.82
CA GLY A 176 -4.05 -21.02 13.60
C GLY A 176 -5.09 -21.92 14.21
N GLU A 177 -6.07 -21.37 14.94
CA GLU A 177 -7.10 -22.19 15.54
C GLU A 177 -7.94 -22.87 14.46
N ASN A 178 -8.45 -24.05 14.78
CA ASN A 178 -9.29 -24.81 13.85
C ASN A 178 -10.47 -25.40 14.59
N LYS A 179 -11.65 -25.29 13.98
CA LYS A 179 -12.88 -25.83 14.54
C LYS A 179 -13.64 -26.58 13.45
N THR A 180 -14.33 -27.65 13.85
CA THR A 180 -15.09 -28.47 12.92
C THR A 180 -16.58 -28.29 13.14
N SER A 181 -17.31 -28.02 12.06
CA SER A 181 -18.72 -27.71 12.13
C SER A 181 -19.55 -28.96 12.39
N PRO A 182 -20.84 -28.79 12.71
CA PRO A 182 -21.75 -29.94 12.73
C PRO A 182 -22.03 -30.49 11.33
N PHE A 183 -23.02 -31.36 11.23
CA PHE A 183 -23.35 -32.02 9.97
C PHE A 183 -24.48 -31.32 9.24
N ILE A 184 -24.39 -31.34 7.91
CA ILE A 184 -25.49 -31.00 7.02
C ILE A 184 -25.86 -32.30 6.30
N HIS A 185 -26.93 -32.93 6.73
CA HIS A 185 -27.40 -34.16 6.09
C HIS A 185 -28.12 -33.77 4.80
N LEU A 186 -27.49 -34.09 3.67
CA LEU A 186 -28.01 -33.76 2.36
C LEU A 186 -28.64 -34.99 1.73
N SER A 187 -29.90 -34.86 1.32
CA SER A 187 -30.59 -35.91 0.58
C SER A 187 -30.98 -35.38 -0.79
N VAL A 188 -30.93 -36.27 -1.78
CA VAL A 188 -31.21 -35.93 -3.17
C VAL A 188 -32.47 -36.66 -3.59
N ALA A 189 -33.54 -35.90 -3.81
CA ALA A 189 -34.76 -36.48 -4.37
C ALA A 189 -34.55 -36.82 -5.83
N ARG A 190 -35.00 -38.01 -6.22
CA ARG A 190 -34.81 -38.53 -7.58
C ARG A 190 -36.03 -38.28 -8.46
N ASP A 191 -36.75 -37.18 -8.25
CA ASP A 191 -38.02 -36.99 -8.95
C ASP A 191 -37.84 -36.57 -10.40
N THR A 192 -36.92 -35.63 -10.67
CA THR A 192 -36.81 -35.07 -12.01
C THR A 192 -36.33 -36.12 -13.02
N GLY A 193 -35.33 -36.92 -12.65
CA GLY A 193 -34.92 -38.00 -13.52
C GLY A 193 -33.46 -37.96 -13.93
N THR A 194 -32.93 -39.11 -14.36
CA THR A 194 -31.53 -39.18 -14.74
C THR A 194 -31.29 -38.74 -16.18
N HIS A 195 -32.22 -39.01 -17.08
CA HIS A 195 -32.04 -38.75 -18.51
C HIS A 195 -32.80 -37.47 -18.89
N GLU A 196 -32.05 -36.37 -19.04
CA GLU A 196 -32.60 -35.09 -19.49
C GLU A 196 -31.48 -34.07 -19.67
N ALA A 197 -31.81 -32.89 -20.17
CA ALA A 197 -30.89 -31.77 -20.23
C ALA A 197 -31.40 -30.64 -19.35
N MET A 198 -30.48 -29.85 -18.81
CA MET A 198 -30.83 -28.79 -17.86
C MET A 198 -30.25 -27.47 -18.32
N ALA A 199 -31.08 -26.43 -18.30
CA ALA A 199 -30.68 -25.12 -18.81
C ALA A 199 -29.71 -24.44 -17.84
N PRO A 200 -28.74 -23.68 -18.35
CA PRO A 200 -27.78 -23.02 -17.47
C PRO A 200 -28.47 -21.95 -16.62
N ILE A 201 -28.28 -22.06 -15.31
CA ILE A 201 -28.93 -21.17 -14.34
C ILE A 201 -27.88 -20.70 -13.34
N ILE A 202 -27.78 -19.39 -13.16
CA ILE A 202 -26.77 -18.80 -12.28
C ILE A 202 -27.20 -18.99 -10.83
N VAL A 203 -26.35 -19.65 -10.05
CA VAL A 203 -26.65 -19.95 -8.65
C VAL A 203 -26.07 -18.89 -7.72
N VAL A 204 -24.81 -18.55 -7.90
CA VAL A 204 -24.13 -17.56 -7.07
C VAL A 204 -23.80 -16.37 -7.97
N ALA A 205 -24.42 -15.22 -7.67
CA ALA A 205 -24.24 -14.04 -8.51
C ALA A 205 -23.00 -13.26 -8.06
N PRO A 206 -22.36 -12.56 -9.00
CA PRO A 206 -21.24 -11.68 -8.60
C PRO A 206 -21.75 -10.45 -7.88
N GLY A 207 -21.01 -10.02 -6.88
CA GLY A 207 -21.41 -8.90 -6.05
C GLY A 207 -20.70 -7.61 -6.41
N ASN A 208 -21.40 -6.50 -6.26
CA ASN A 208 -20.79 -5.19 -6.39
C ASN A 208 -19.57 -5.09 -5.48
N ARG A 209 -18.53 -4.42 -5.97
CA ARG A 209 -17.28 -4.29 -5.23
C ARG A 209 -16.76 -2.87 -5.34
N SER A 210 -16.44 -2.26 -4.20
CA SER A 210 -15.76 -0.98 -4.13
C SER A 210 -14.42 -1.19 -3.43
N VAL A 211 -13.34 -0.76 -4.07
CA VAL A 211 -11.99 -1.08 -3.64
C VAL A 211 -11.20 0.22 -3.53
N VAL A 212 -10.47 0.38 -2.42
CA VAL A 212 -9.64 1.55 -2.23
C VAL A 212 -8.49 1.52 -3.23
N ALA A 213 -8.21 2.68 -3.84
CA ALA A 213 -7.17 2.77 -4.84
C ALA A 213 -5.82 2.37 -4.27
N GLY A 214 -5.11 1.50 -4.99
CA GLY A 214 -3.83 1.00 -4.57
C GLY A 214 -3.84 -0.41 -4.04
N SER A 215 -5.03 -1.00 -3.83
CA SER A 215 -5.12 -2.37 -3.37
C SER A 215 -4.52 -3.32 -4.40
N SER A 216 -4.09 -4.48 -3.93
CA SER A 216 -3.40 -5.43 -4.80
C SER A 216 -4.35 -5.98 -5.86
N GLU A 217 -5.38 -6.70 -5.45
CA GLU A 217 -6.27 -7.37 -6.39
C GLU A 217 -7.71 -7.29 -5.90
N THR A 218 -8.63 -7.59 -6.81
CA THR A 218 -10.02 -7.79 -6.47
C THR A 218 -10.57 -8.95 -7.31
N THR A 219 -11.65 -9.56 -6.85
CA THR A 219 -12.15 -10.75 -7.53
C THR A 219 -13.67 -10.83 -7.48
N LEU A 220 -14.26 -11.05 -8.64
CA LEU A 220 -15.67 -11.41 -8.77
C LEU A 220 -15.79 -12.91 -8.97
N GLU A 221 -16.87 -13.48 -8.44
CA GLU A 221 -17.15 -14.90 -8.59
C GLU A 221 -18.49 -15.09 -9.28
N CYS A 222 -18.62 -16.20 -9.99
CA CYS A 222 -19.86 -16.52 -10.68
C CYS A 222 -19.92 -18.03 -10.85
N ILE A 223 -20.93 -18.65 -10.24
CA ILE A 223 -21.10 -20.10 -10.27
C ILE A 223 -22.47 -20.40 -10.84
N ALA A 224 -22.50 -21.23 -11.89
CA ALA A 224 -23.74 -21.59 -12.56
C ALA A 224 -23.88 -23.10 -12.61
N ASN A 225 -25.11 -23.57 -12.82
CA ASN A 225 -25.43 -24.97 -12.87
C ASN A 225 -26.10 -25.32 -14.20
N ALA A 226 -25.78 -26.50 -14.73
CA ALA A 226 -26.35 -26.97 -15.98
C ALA A 226 -26.09 -28.47 -16.09
N ARG A 227 -26.84 -29.13 -16.96
CA ARG A 227 -26.63 -30.54 -17.22
C ARG A 227 -26.83 -30.83 -18.70
N PRO A 228 -25.86 -31.51 -19.33
CA PRO A 228 -24.63 -32.06 -18.75
C PRO A 228 -23.62 -30.99 -18.33
N VAL A 229 -23.07 -31.13 -17.13
CA VAL A 229 -22.15 -30.14 -16.60
C VAL A 229 -20.88 -30.07 -17.42
N GLU A 230 -20.58 -31.11 -18.20
CA GLU A 230 -19.39 -31.08 -19.05
C GLU A 230 -19.47 -29.96 -20.06
N GLU A 231 -20.66 -29.74 -20.64
CA GLU A 231 -20.84 -28.73 -21.68
C GLU A 231 -21.13 -27.34 -21.11
N LEU A 232 -21.05 -27.17 -19.79
CA LEU A 232 -21.31 -25.87 -19.19
C LEU A 232 -20.05 -25.00 -19.24
N SER A 233 -20.15 -23.85 -19.90
CA SER A 233 -19.05 -22.91 -20.03
C SER A 233 -19.47 -21.59 -19.40
N VAL A 234 -18.72 -21.14 -18.40
CA VAL A 234 -18.96 -19.87 -17.72
C VAL A 234 -17.83 -18.92 -18.09
N HIS A 235 -18.18 -17.79 -18.67
CA HIS A 235 -17.21 -16.82 -19.15
C HIS A 235 -17.64 -15.41 -18.75
N TRP A 236 -16.69 -14.48 -18.81
CA TRP A 236 -16.88 -13.10 -18.42
C TRP A 236 -16.70 -12.19 -19.63
N LYS A 237 -17.65 -11.29 -19.83
CA LYS A 237 -17.56 -10.27 -20.87
C LYS A 237 -17.60 -8.89 -20.25
N ARG A 238 -16.74 -8.01 -20.76
CA ARG A 238 -16.71 -6.60 -20.39
C ARG A 238 -16.63 -5.78 -21.67
N ASN A 239 -17.49 -4.76 -21.77
CA ASN A 239 -17.62 -3.96 -22.99
C ASN A 239 -17.94 -4.83 -24.20
N GLY A 240 -18.67 -5.93 -23.97
CA GLY A 240 -19.07 -6.82 -25.04
C GLY A 240 -18.00 -7.76 -25.55
N VAL A 241 -16.87 -7.87 -24.85
CA VAL A 241 -15.78 -8.74 -25.27
C VAL A 241 -15.41 -9.66 -24.12
N ARG A 242 -15.21 -10.94 -24.42
CA ARG A 242 -14.84 -11.91 -23.40
C ARG A 242 -13.41 -11.66 -22.92
N LEU A 243 -13.22 -11.72 -21.60
CA LEU A 243 -11.91 -11.49 -21.00
C LEU A 243 -11.13 -12.79 -20.90
N THR A 244 -9.84 -12.72 -21.25
CA THR A 244 -8.95 -13.86 -21.21
C THR A 244 -7.91 -13.76 -20.11
N SER A 245 -7.73 -12.60 -19.51
CA SER A 245 -6.72 -12.38 -18.49
C SER A 245 -7.33 -12.53 -17.10
N GLY A 246 -6.60 -13.21 -16.21
CA GLY A 246 -7.01 -13.32 -14.83
C GLY A 246 -8.17 -14.25 -14.56
N LEU A 247 -8.37 -15.26 -15.40
CA LEU A 247 -9.42 -16.25 -15.17
C LEU A 247 -8.90 -17.34 -14.24
N HIS A 248 -9.77 -17.77 -13.33
CA HIS A 248 -9.36 -18.73 -12.29
C HIS A 248 -10.52 -19.67 -11.99
N SER A 249 -10.16 -20.87 -11.56
CA SER A 249 -11.10 -21.87 -11.04
C SER A 249 -12.25 -22.12 -12.02
N TYR A 250 -11.87 -22.70 -13.16
CA TYR A 250 -12.83 -23.11 -14.19
C TYR A 250 -13.66 -21.92 -14.68
N GLY A 251 -12.99 -20.78 -14.86
CA GLY A 251 -13.65 -19.59 -15.35
C GLY A 251 -14.64 -18.94 -14.39
N ARG A 252 -14.82 -19.50 -13.20
CA ARG A 252 -15.77 -18.95 -12.25
C ARG A 252 -15.22 -17.75 -11.50
N ARG A 253 -13.92 -17.56 -11.48
CA ARG A 253 -13.27 -16.48 -10.75
C ARG A 253 -12.63 -15.52 -11.74
N LEU A 254 -13.04 -14.26 -11.70
CA LEU A 254 -12.39 -13.21 -12.48
C LEU A 254 -11.68 -12.27 -11.52
N THR A 255 -10.39 -12.07 -11.74
CA THR A 255 -9.56 -11.30 -10.83
C THR A 255 -8.93 -10.12 -11.56
N ILE A 256 -9.22 -8.91 -11.08
CA ILE A 256 -8.59 -7.69 -11.57
C ILE A 256 -7.34 -7.45 -10.74
N THR A 257 -6.19 -7.40 -11.42
CA THR A 257 -4.90 -7.18 -10.78
C THR A 257 -4.50 -5.72 -10.96
N ASN A 258 -4.02 -5.11 -9.87
CA ASN A 258 -3.72 -3.68 -9.84
C ASN A 258 -4.88 -2.85 -10.38
N PRO A 259 -6.04 -2.87 -9.71
CA PRO A 259 -7.20 -2.16 -10.24
C PRO A 259 -7.01 -0.65 -10.19
N THR A 260 -7.26 0.00 -11.33
CA THR A 260 -7.13 1.45 -11.46
C THR A 260 -8.44 2.02 -12.00
N SER A 261 -8.45 3.33 -12.23
CA SER A 261 -9.66 3.99 -12.69
C SER A 261 -10.14 3.44 -14.03
N ALA A 262 -9.23 2.89 -14.84
CA ALA A 262 -9.62 2.31 -16.12
C ALA A 262 -10.36 0.99 -15.96
N ASP A 263 -10.28 0.37 -14.79
CA ASP A 263 -10.93 -0.91 -14.54
C ASP A 263 -12.31 -0.77 -13.90
N THR A 264 -12.72 0.43 -13.53
CA THR A 264 -14.04 0.62 -12.96
C THR A 264 -15.11 0.40 -14.02
N GLY A 265 -16.35 0.23 -13.55
CA GLY A 265 -17.49 0.07 -14.43
C GLY A 265 -18.20 -1.25 -14.21
N MET A 266 -18.74 -1.81 -15.28
CA MET A 266 -19.59 -2.99 -15.21
C MET A 266 -18.89 -4.20 -15.83
N TYR A 267 -19.08 -5.35 -15.20
CA TYR A 267 -18.63 -6.64 -15.70
C TYR A 267 -19.83 -7.57 -15.77
N VAL A 268 -19.86 -8.42 -16.80
CA VAL A 268 -21.00 -9.30 -17.04
C VAL A 268 -20.53 -10.74 -17.02
N CYS A 269 -21.19 -11.56 -16.22
CA CYS A 269 -20.99 -13.01 -16.21
C CYS A 269 -22.04 -13.68 -17.08
N GLU A 270 -21.61 -14.68 -17.84
CA GLU A 270 -22.50 -15.40 -18.74
C GLU A 270 -22.17 -16.88 -18.70
N ALA A 271 -23.20 -17.72 -18.59
CA ALA A 271 -23.05 -19.16 -18.59
C ALA A 271 -23.89 -19.74 -19.72
N THR A 272 -23.26 -20.57 -20.55
CA THR A 272 -23.92 -21.19 -21.69
C THR A 272 -23.71 -22.70 -21.63
N LEU A 273 -24.68 -23.42 -22.17
CA LEU A 273 -24.56 -24.86 -22.38
C LEU A 273 -24.13 -25.06 -23.83
N ARG A 274 -22.85 -25.38 -24.01
CA ARG A 274 -22.23 -25.45 -25.34
C ARG A 274 -23.00 -26.35 -26.30
N GLY A 275 -23.66 -25.76 -27.29
CA GLY A 275 -24.39 -26.50 -28.30
C GLY A 275 -25.86 -26.68 -28.05
N SER A 276 -26.45 -25.92 -27.14
CA SER A 276 -27.85 -26.06 -26.79
C SER A 276 -28.67 -24.89 -27.33
N THR A 277 -29.97 -25.11 -27.42
CA THR A 277 -30.90 -24.04 -27.79
C THR A 277 -31.30 -23.17 -26.62
N PHE A 278 -30.71 -23.39 -25.45
CA PHE A 278 -31.02 -22.57 -24.28
C PHE A 278 -30.37 -21.19 -24.40
N GLU A 279 -31.06 -20.18 -23.90
CA GLU A 279 -30.46 -18.86 -23.83
C GLU A 279 -29.40 -18.82 -22.74
N PRO A 280 -28.36 -18.00 -22.91
CA PRO A 280 -27.34 -17.90 -21.86
C PRO A 280 -27.89 -17.22 -20.63
N ALA A 281 -27.26 -17.51 -19.49
CA ALA A 281 -27.61 -16.88 -18.23
C ALA A 281 -26.60 -15.76 -17.94
N ARG A 282 -27.09 -14.60 -17.54
CA ARG A 282 -26.22 -13.45 -17.34
C ARG A 282 -26.45 -12.82 -15.97
N ALA A 283 -25.40 -12.18 -15.46
CA ALA A 283 -25.46 -11.50 -14.17
C ALA A 283 -24.47 -10.35 -14.18
N ARG A 284 -24.92 -9.16 -13.79
CA ARG A 284 -24.09 -7.97 -13.82
C ARG A 284 -23.44 -7.74 -12.45
N ALA A 285 -22.24 -7.15 -12.48
CA ALA A 285 -21.53 -6.75 -11.28
C ALA A 285 -20.83 -5.43 -11.57
N PHE A 286 -20.62 -4.63 -10.53
CA PHE A 286 -20.10 -3.28 -10.70
C PHE A 286 -18.92 -3.04 -9.77
N LEU A 287 -17.82 -2.56 -10.35
CA LEU A 287 -16.59 -2.27 -9.62
C LEU A 287 -16.35 -0.77 -9.60
N SER A 288 -16.17 -0.22 -8.39
CA SER A 288 -15.83 1.18 -8.20
C SER A 288 -14.59 1.26 -7.32
N ILE A 289 -13.93 2.41 -7.36
CA ILE A 289 -12.66 2.60 -6.66
C ILE A 289 -12.74 3.84 -5.78
N ILE A 290 -12.34 3.69 -4.52
CA ILE A 290 -12.33 4.77 -3.55
C ILE A 290 -10.96 5.44 -3.56
N GLU A 291 -10.94 6.76 -3.69
CA GLU A 291 -9.70 7.51 -3.58
C GLU A 291 -9.63 8.14 -2.20
N PRO A 292 -8.65 7.79 -1.37
CA PRO A 292 -8.56 8.35 -0.02
C PRO A 292 -8.38 9.86 -0.09
N PRO A 293 -8.76 10.58 0.98
CA PRO A 293 -8.75 12.04 0.91
C PRO A 293 -7.34 12.60 0.92
N TYR A 294 -7.17 13.73 0.26
CA TYR A 294 -5.92 14.48 0.30
C TYR A 294 -6.22 15.96 0.32
N PHE A 295 -5.32 16.72 0.94
CA PHE A 295 -5.52 18.17 1.06
C PHE A 295 -5.06 18.88 -0.19
N THR A 296 -5.90 19.80 -0.67
CA THR A 296 -5.54 20.70 -1.75
C THR A 296 -5.27 22.12 -1.28
N ALA A 297 -5.51 22.41 0.00
CA ALA A 297 -5.23 23.71 0.58
C ALA A 297 -5.10 23.55 2.08
N GLU A 298 -3.92 23.85 2.62
CA GLU A 298 -3.67 23.74 4.05
C GLU A 298 -3.32 25.11 4.62
N PRO A 299 -3.64 25.35 5.89
CA PRO A 299 -3.25 26.62 6.51
C PRO A 299 -1.77 26.63 6.87
N GLU A 300 -1.26 27.83 7.09
CA GLU A 300 0.11 27.97 7.54
C GLU A 300 0.28 27.37 8.93
N SER A 301 1.54 27.09 9.29
CA SER A 301 1.81 26.46 10.58
C SER A 301 1.39 27.36 11.74
N ARG A 302 1.61 28.66 11.62
CA ARG A 302 1.19 29.62 12.63
C ARG A 302 0.58 30.84 11.94
N ILE A 303 -0.51 31.34 12.49
CA ILE A 303 -1.26 32.46 11.92
C ILE A 303 -1.42 33.52 13.00
N LEU A 304 -0.87 34.70 12.75
CA LEU A 304 -1.02 35.83 13.67
C LEU A 304 -2.26 36.63 13.31
N GLY A 305 -3.01 37.03 14.33
CA GLY A 305 -4.23 37.77 14.10
C GLY A 305 -4.44 38.92 15.06
N GLU A 306 -4.94 40.04 14.54
CA GLU A 306 -5.27 41.20 15.37
C GLU A 306 -6.71 41.11 15.85
N VAL A 307 -6.96 41.62 17.06
CA VAL A 307 -8.29 41.52 17.65
C VAL A 307 -9.29 42.31 16.84
N GLU A 308 -10.56 41.90 16.94
CA GLU A 308 -11.70 42.56 16.28
C GLU A 308 -11.64 42.38 14.77
N GLU A 309 -10.64 41.68 14.25
CA GLU A 309 -10.51 41.48 12.82
C GLU A 309 -11.14 40.15 12.41
N THR A 310 -11.33 39.99 11.11
CA THR A 310 -11.91 38.78 10.54
C THR A 310 -10.80 37.83 10.11
N MET A 311 -10.97 36.54 10.39
CA MET A 311 -9.97 35.52 10.08
C MET A 311 -10.56 34.47 9.15
N ASP A 312 -9.72 33.96 8.25
CA ASP A 312 -10.10 32.88 7.34
C ASP A 312 -8.98 31.87 7.28
N ILE A 313 -9.30 30.61 7.56
CA ILE A 313 -8.33 29.53 7.63
C ILE A 313 -8.64 28.54 6.51
N PRO A 314 -7.72 28.33 5.56
CA PRO A 314 -8.05 27.48 4.41
C PRO A 314 -7.96 25.99 4.74
N CYS A 315 -8.93 25.24 4.21
CA CYS A 315 -8.87 23.78 4.28
C CYS A 315 -9.75 23.23 3.17
N ARG A 316 -9.13 22.71 2.11
CA ARG A 316 -9.84 22.01 1.06
C ARG A 316 -9.20 20.64 0.87
N ALA A 317 -10.01 19.68 0.43
CA ALA A 317 -9.53 18.30 0.31
C ALA A 317 -10.38 17.56 -0.70
N MET A 318 -9.72 16.86 -1.62
CA MET A 318 -10.38 16.10 -2.67
C MET A 318 -10.19 14.61 -2.44
N GLY A 319 -10.92 13.84 -3.22
CA GLY A 319 -10.91 12.38 -3.11
C GLY A 319 -12.20 11.80 -3.63
N VAL A 320 -12.21 10.48 -3.75
CA VAL A 320 -13.38 9.75 -4.23
C VAL A 320 -13.86 8.76 -3.17
N PRO A 321 -15.04 9.01 -2.59
CA PRO A 321 -15.93 10.14 -2.83
C PRO A 321 -15.40 11.45 -2.22
N LEU A 322 -16.08 12.55 -2.51
CA LEU A 322 -15.67 13.85 -2.02
C LEU A 322 -15.57 13.82 -0.50
N PRO A 323 -14.45 14.24 0.09
CA PRO A 323 -14.25 14.09 1.53
C PRO A 323 -15.17 15.00 2.34
N THR A 324 -15.39 14.60 3.59
CA THR A 324 -16.10 15.41 4.56
C THR A 324 -15.07 16.07 5.47
N LEU A 325 -15.30 17.34 5.79
CA LEU A 325 -14.37 18.13 6.58
C LEU A 325 -14.99 18.48 7.93
N GLN A 326 -14.28 18.15 9.00
CA GLN A 326 -14.71 18.49 10.36
C GLN A 326 -13.63 19.31 11.03
N TRP A 327 -14.05 20.36 11.74
CA TRP A 327 -13.14 21.28 12.40
C TRP A 327 -13.12 21.05 13.90
N TYR A 328 -11.97 21.34 14.49
CA TYR A 328 -11.75 21.21 15.92
C TYR A 328 -10.96 22.42 16.41
N LYS A 329 -11.20 22.81 17.66
CA LYS A 329 -10.40 23.82 18.35
C LYS A 329 -9.91 23.20 19.64
N ASP A 330 -8.61 22.91 19.70
CA ASP A 330 -7.99 22.29 20.87
C ASP A 330 -8.67 20.98 21.23
N ALA A 331 -8.78 20.10 20.22
CA ALA A 331 -9.36 18.77 20.36
C ALA A 331 -10.84 18.83 20.77
N VAL A 332 -11.52 19.92 20.42
CA VAL A 332 -12.95 20.05 20.66
C VAL A 332 -13.63 20.40 19.33
N PRO A 333 -14.64 19.65 18.90
CA PRO A 333 -15.27 19.96 17.60
C PRO A 333 -16.04 21.27 17.66
N LEU A 334 -15.93 22.04 16.58
CA LEU A 334 -16.63 23.32 16.50
C LEU A 334 -18.13 23.13 16.62
N SER A 335 -18.65 21.98 16.19
CA SER A 335 -20.07 21.70 16.36
C SER A 335 -20.43 21.67 17.85
N LYS A 336 -19.60 21.02 18.67
CA LYS A 336 -19.86 20.98 20.10
C LYS A 336 -19.69 22.35 20.74
N LEU A 337 -18.81 23.19 20.20
CA LEU A 337 -18.54 24.48 20.82
C LEU A 337 -19.74 25.40 20.74
N GLN A 338 -20.54 25.32 19.67
CA GLN A 338 -21.69 26.18 19.47
C GLN A 338 -21.30 27.65 19.58
N ASN A 339 -20.18 28.00 18.95
CA ASN A 339 -19.70 29.39 18.94
C ASN A 339 -20.31 30.10 17.75
N PRO A 340 -21.05 31.19 17.95
CA PRO A 340 -21.71 31.85 16.81
C PRO A 340 -20.75 32.56 15.87
N ARG A 341 -19.56 32.96 16.33
CA ARG A 341 -18.61 33.65 15.47
C ARG A 341 -17.82 32.70 14.58
N TYR A 342 -18.04 31.39 14.69
CA TYR A 342 -17.33 30.41 13.88
C TYR A 342 -18.27 29.87 12.81
N LYS A 343 -18.06 30.33 11.57
CA LYS A 343 -18.84 29.86 10.43
C LYS A 343 -17.93 29.00 9.54
N VAL A 344 -18.44 27.85 9.11
CA VAL A 344 -17.66 26.91 8.30
C VAL A 344 -18.07 27.08 6.85
N LEU A 345 -17.10 27.46 6.01
CA LEU A 345 -17.37 27.69 4.61
C LEU A 345 -17.67 26.37 3.89
N PRO A 346 -18.44 26.41 2.80
CA PRO A 346 -18.72 25.17 2.07
C PRO A 346 -17.49 24.59 1.38
N SER A 347 -16.55 25.44 0.95
CA SER A 347 -15.30 24.96 0.40
C SER A 347 -14.48 24.19 1.44
N GLY A 348 -14.80 24.39 2.72
CA GLY A 348 -14.08 23.76 3.81
C GLY A 348 -13.34 24.74 4.69
N GLY A 349 -13.18 25.99 4.26
CA GLY A 349 -12.48 26.96 5.06
C GLY A 349 -13.23 27.36 6.31
N LEU A 350 -12.49 27.94 7.24
CA LEU A 350 -13.04 28.44 8.49
C LEU A 350 -13.09 29.96 8.46
N HIS A 351 -14.18 30.52 8.99
CA HIS A 351 -14.41 31.96 8.99
C HIS A 351 -14.73 32.39 10.41
N ILE A 352 -13.91 33.29 10.95
CA ILE A 352 -14.08 33.82 12.30
C ILE A 352 -14.40 35.30 12.17
N GLN A 353 -15.53 35.71 12.76
CA GLN A 353 -16.07 37.05 12.60
C GLN A 353 -15.19 38.11 13.25
N LYS A 354 -15.26 38.22 14.58
CA LYS A 354 -14.49 39.21 15.33
C LYS A 354 -13.51 38.47 16.23
N LEU A 355 -12.23 38.71 16.02
CA LEU A 355 -11.20 38.02 16.79
C LEU A 355 -11.19 38.49 18.23
N SER A 356 -11.43 37.57 19.15
CA SER A 356 -11.32 37.78 20.58
C SER A 356 -10.14 36.97 21.12
N PRO A 357 -9.50 37.43 22.20
CA PRO A 357 -8.33 36.71 22.71
C PRO A 357 -8.60 35.25 23.07
N GLU A 358 -9.87 34.88 23.31
CA GLU A 358 -10.19 33.49 23.60
C GLU A 358 -10.03 32.60 22.37
N ASP A 359 -10.04 33.17 21.17
CA ASP A 359 -9.88 32.40 19.94
C ASP A 359 -8.46 31.86 19.77
N SER A 360 -7.52 32.24 20.62
CA SER A 360 -6.16 31.76 20.50
C SER A 360 -6.09 30.27 20.82
N GLY A 361 -5.27 29.55 20.07
CA GLY A 361 -5.16 28.11 20.24
C GLY A 361 -5.07 27.36 18.93
N ILE A 362 -5.02 26.03 19.01
CA ILE A 362 -4.85 25.21 17.82
C ILE A 362 -6.21 24.96 17.19
N PHE A 363 -6.27 25.14 15.86
CA PHE A 363 -7.40 24.72 15.05
C PHE A 363 -6.96 23.57 14.16
N GLN A 364 -7.86 22.61 13.95
CA GLN A 364 -7.50 21.34 13.33
C GLN A 364 -8.59 20.92 12.36
N CYS A 365 -8.22 20.70 11.10
CA CYS A 365 -9.13 20.30 10.05
C CYS A 365 -8.89 18.83 9.72
N PHE A 366 -9.96 18.04 9.76
CA PHE A 366 -9.91 16.63 9.41
C PHE A 366 -10.72 16.41 8.13
N ALA A 367 -10.16 15.64 7.22
CA ALA A 367 -10.85 15.28 5.97
C ALA A 367 -10.96 13.77 5.91
N SER A 368 -12.19 13.26 5.87
CA SER A 368 -12.43 11.82 5.94
C SER A 368 -13.44 11.40 4.91
N ASN A 369 -13.20 10.25 4.28
CA ASN A 369 -14.16 9.67 3.35
C ASN A 369 -14.43 8.23 3.77
N GLU A 370 -14.97 7.44 2.85
CA GLU A 370 -15.24 6.03 3.13
C GLU A 370 -13.98 5.19 3.19
N GLY A 371 -12.82 5.76 2.86
CA GLY A 371 -11.61 4.98 2.83
C GLY A 371 -10.35 5.71 3.26
N GLY A 372 -10.47 6.68 4.16
CA GLY A 372 -9.29 7.37 4.65
C GLY A 372 -9.65 8.59 5.46
N GLU A 373 -8.62 9.11 6.13
CA GLU A 373 -8.76 10.28 6.99
C GLU A 373 -7.39 10.97 7.09
N VAL A 374 -7.39 12.29 6.95
CA VAL A 374 -6.15 13.08 6.97
C VAL A 374 -6.35 14.32 7.82
N GLN A 375 -5.23 14.90 8.25
CA GLN A 375 -5.21 15.92 9.30
C GLN A 375 -4.33 17.09 8.87
N THR A 376 -4.81 18.30 9.13
CA THR A 376 -3.99 19.50 9.04
C THR A 376 -4.37 20.40 10.20
N HIS A 377 -3.47 21.32 10.55
CA HIS A 377 -3.72 22.14 11.73
C HIS A 377 -2.90 23.42 11.66
N THR A 378 -3.28 24.37 12.52
CA THR A 378 -2.57 25.64 12.63
C THR A 378 -2.79 26.17 14.04
N TYR A 379 -1.88 27.03 14.49
CA TYR A 379 -2.03 27.73 15.76
C TYR A 379 -2.39 29.18 15.50
N LEU A 380 -3.51 29.61 16.07
CA LEU A 380 -4.00 30.97 15.90
C LEU A 380 -3.64 31.79 17.14
N ASP A 381 -2.86 32.85 16.93
CA ASP A 381 -2.40 33.72 18.01
C ASP A 381 -3.07 35.08 17.84
N VAL A 382 -4.04 35.37 18.72
CA VAL A 382 -4.76 36.63 18.70
C VAL A 382 -4.20 37.50 19.82
N THR A 383 -3.54 38.59 19.45
CA THR A 383 -2.91 39.51 20.40
C THR A 383 -3.45 40.92 20.21
N ASN A 384 -3.22 41.76 21.21
CA ASN A 384 -3.54 43.17 21.14
C ASN A 384 -2.30 43.96 20.72
N ILE A 385 -2.50 45.01 19.93
CA ILE A 385 -1.42 45.84 19.45
C ILE A 385 -1.54 47.21 20.12
N ALA A 386 -0.45 47.65 20.74
CA ALA A 386 -0.44 48.96 21.39
C ALA A 386 -0.51 50.07 20.34
N PRO A 387 -1.14 51.20 20.67
CA PRO A 387 -1.28 52.27 19.67
C PRO A 387 0.06 52.92 19.35
N ALA A 388 0.26 53.23 18.07
CA ALA A 388 1.47 53.90 17.62
C ALA A 388 1.12 54.91 16.53
N PHE A 389 1.81 56.04 16.53
CA PHE A 389 1.53 57.10 15.57
C PHE A 389 2.17 56.77 14.22
N THR A 390 1.36 56.74 13.17
CA THR A 390 1.90 56.70 11.83
C THR A 390 2.31 58.08 11.36
N GLN A 391 1.57 59.10 11.78
CA GLN A 391 1.89 60.50 11.48
C GLN A 391 1.27 61.38 12.55
N ARG A 392 2.09 62.10 13.28
CA ARG A 392 1.61 62.97 14.35
C ARG A 392 1.18 64.32 13.78
N PRO A 393 0.37 65.07 14.52
CA PRO A 393 -0.03 66.40 14.05
C PRO A 393 1.15 67.35 13.97
N VAL A 394 1.07 68.28 13.00
CA VAL A 394 2.13 69.22 12.71
C VAL A 394 1.60 70.63 12.92
N ASP A 395 2.52 71.56 13.21
CA ASP A 395 2.16 72.97 13.30
C ASP A 395 1.58 73.44 11.97
N THR A 396 0.51 74.22 12.05
CA THR A 396 -0.15 74.72 10.85
C THR A 396 -0.62 76.15 11.08
N THR A 397 -0.64 76.93 10.00
CA THR A 397 -1.18 78.28 9.98
C THR A 397 -2.25 78.34 8.90
N VAL A 398 -3.46 78.77 9.28
CA VAL A 398 -4.62 78.70 8.40
C VAL A 398 -5.28 80.06 8.34
N THR A 399 -5.63 80.49 7.12
CA THR A 399 -6.34 81.75 6.93
C THR A 399 -7.75 81.66 7.51
N ASP A 400 -8.18 82.73 8.16
CA ASP A 400 -9.49 82.76 8.77
C ASP A 400 -10.57 82.51 7.72
N GLY A 401 -11.63 81.81 8.14
CA GLY A 401 -12.72 81.48 7.27
C GLY A 401 -12.54 80.20 6.46
N MET A 402 -11.30 79.82 6.17
CA MET A 402 -11.04 78.62 5.40
C MET A 402 -11.05 77.40 6.31
N THR A 403 -11.16 76.23 5.70
CA THR A 403 -11.13 74.98 6.44
C THR A 403 -9.70 74.65 6.86
N ALA A 404 -9.58 73.81 7.88
CA ALA A 404 -8.28 73.41 8.41
C ALA A 404 -8.35 71.95 8.84
N VAL A 405 -7.23 71.24 8.68
CA VAL A 405 -7.16 69.82 9.00
C VAL A 405 -5.88 69.55 9.77
N LEU A 406 -6.02 68.99 10.98
CA LEU A 406 -4.90 68.49 11.76
C LEU A 406 -4.94 66.96 11.73
N ARG A 407 -3.84 66.36 11.33
CA ARG A 407 -3.77 64.94 11.01
C ARG A 407 -3.13 64.18 12.17
N CYS A 408 -3.81 63.12 12.64
CA CYS A 408 -3.33 62.36 13.81
C CYS A 408 -3.74 60.89 13.63
N GLU A 409 -2.97 60.17 12.82
CA GLU A 409 -3.33 58.81 12.43
C GLU A 409 -2.51 57.80 13.23
N VAL A 410 -3.21 56.82 13.80
CA VAL A 410 -2.60 55.83 14.69
C VAL A 410 -2.93 54.43 14.19
N SER A 411 -2.19 53.46 14.73
CA SER A 411 -2.38 52.05 14.42
C SER A 411 -2.44 51.28 15.73
N GLY A 412 -3.41 50.39 15.85
CA GLY A 412 -3.57 49.61 17.08
C GLY A 412 -4.70 48.62 16.95
N ALA A 413 -4.67 47.64 17.85
CA ALA A 413 -5.69 46.60 17.91
C ALA A 413 -6.20 46.43 19.34
N PRO A 414 -7.48 46.72 19.56
CA PRO A 414 -8.47 47.15 18.55
C PRO A 414 -8.26 48.61 18.12
N LYS A 415 -9.10 49.08 17.20
CA LYS A 415 -8.97 50.42 16.64
C LYS A 415 -8.95 51.46 17.78
N PRO A 416 -7.87 52.24 17.91
CA PRO A 416 -7.79 53.20 19.02
C PRO A 416 -8.85 54.29 18.90
N ALA A 417 -9.58 54.51 19.99
CA ALA A 417 -10.51 55.63 20.06
C ALA A 417 -9.74 56.94 20.08
N ILE A 418 -10.08 57.84 19.17
CA ILE A 418 -9.39 59.11 19.02
C ILE A 418 -10.25 60.22 19.61
N THR A 419 -9.65 61.05 20.45
CA THR A 419 -10.33 62.15 21.11
C THR A 419 -9.53 63.43 20.85
N TRP A 420 -10.12 64.35 20.10
CA TRP A 420 -9.48 65.61 19.77
C TRP A 420 -9.89 66.68 20.77
N LYS A 421 -8.92 67.19 21.53
CA LYS A 421 -9.16 68.16 22.59
C LYS A 421 -8.25 69.36 22.42
N ARG A 422 -8.78 70.54 22.74
CA ARG A 422 -8.01 71.78 22.79
C ARG A 422 -8.01 72.27 24.24
N GLY A 423 -6.84 72.27 24.86
CA GLY A 423 -6.76 72.68 26.25
C GLY A 423 -7.51 71.72 27.14
N ASN A 424 -8.43 72.27 27.94
CA ASN A 424 -9.25 71.49 28.85
C ASN A 424 -10.61 71.12 28.25
N HIS A 425 -10.90 71.57 27.03
CA HIS A 425 -12.15 71.27 26.35
C HIS A 425 -11.91 70.24 25.26
N ILE A 426 -12.86 69.33 25.08
CA ILE A 426 -12.79 68.30 24.07
C ILE A 426 -13.62 68.74 22.88
N LEU A 427 -12.94 69.04 21.77
CA LEU A 427 -13.64 69.55 20.59
C LEU A 427 -14.40 68.47 19.86
N ALA A 428 -13.79 67.30 19.68
CA ALA A 428 -14.48 66.23 18.98
C ALA A 428 -14.08 64.89 19.57
N SER A 429 -15.01 63.94 19.52
CA SER A 429 -14.78 62.59 19.98
C SER A 429 -15.74 61.68 19.25
N GLY A 430 -15.57 60.37 19.45
CA GLY A 430 -16.57 59.44 18.96
C GLY A 430 -17.93 59.70 19.54
N SER A 431 -17.98 60.04 20.84
CA SER A 431 -19.24 60.36 21.48
C SER A 431 -19.77 61.72 21.03
N VAL A 432 -18.89 62.71 20.88
CA VAL A 432 -19.28 64.08 20.61
C VAL A 432 -18.56 64.56 19.35
N ARG A 433 -19.33 64.82 18.29
CA ARG A 433 -18.82 65.44 17.07
C ARG A 433 -19.72 66.58 16.60
N ILE A 434 -20.57 67.09 17.49
CA ILE A 434 -21.61 68.05 17.17
C ILE A 434 -21.13 69.50 17.04
N PRO A 435 -20.28 70.02 17.94
CA PRO A 435 -20.16 71.48 18.06
C PRO A 435 -19.46 72.14 16.88
N ARG A 436 -20.09 73.20 16.37
CA ARG A 436 -19.44 74.20 15.49
C ARG A 436 -18.80 73.58 14.26
N PHE A 437 -19.44 72.54 13.71
CA PHE A 437 -18.95 71.84 12.52
C PHE A 437 -17.47 71.47 12.67
N MET A 438 -17.05 71.20 13.91
CA MET A 438 -15.75 70.58 14.15
C MET A 438 -15.92 69.08 13.97
N LEU A 439 -15.41 68.57 12.86
CA LEU A 439 -15.69 67.22 12.38
C LEU A 439 -14.47 66.34 12.59
N LEU A 440 -14.71 65.07 12.92
CA LEU A 440 -13.63 64.10 13.09
C LEU A 440 -13.56 63.26 11.82
N GLU A 441 -12.60 63.56 10.96
CA GLU A 441 -12.23 62.62 9.92
C GLU A 441 -11.58 61.39 10.56
N SER A 442 -11.65 60.26 9.86
CA SER A 442 -10.99 59.06 10.34
C SER A 442 -9.50 59.33 10.54
N GLY A 443 -9.09 59.48 11.80
CA GLY A 443 -7.71 59.76 12.13
C GLY A 443 -7.32 61.21 12.11
N GLY A 444 -8.27 62.15 12.08
CA GLY A 444 -7.89 63.55 12.04
C GLY A 444 -9.04 64.44 12.41
N LEU A 445 -8.72 65.71 12.62
CA LEU A 445 -9.69 66.73 13.00
C LEU A 445 -9.77 67.79 11.92
N ARG A 446 -10.99 68.12 11.49
CA ARG A 446 -11.23 69.13 10.47
C ARG A 446 -12.14 70.20 11.04
N ILE A 447 -11.65 71.44 11.07
CA ILE A 447 -12.43 72.59 11.49
C ILE A 447 -12.87 73.33 10.22
N ALA A 448 -14.18 73.45 10.03
CA ALA A 448 -14.72 74.11 8.84
C ALA A 448 -16.01 74.84 9.16
N PRO A 449 -15.97 76.18 9.15
CA PRO A 449 -14.77 76.99 8.91
C PRO A 449 -13.97 77.23 10.18
N VAL A 450 -12.96 78.09 10.11
CA VAL A 450 -12.10 78.39 11.24
C VAL A 450 -12.18 79.89 11.52
N PHE A 451 -12.58 80.24 12.73
CA PHE A 451 -12.58 81.62 13.20
C PHE A 451 -11.30 81.90 13.98
N ILE A 452 -11.10 83.19 14.30
CA ILE A 452 -9.93 83.58 15.07
C ILE A 452 -9.98 83.04 16.49
N GLN A 453 -11.17 82.70 17.00
CA GLN A 453 -11.30 82.13 18.33
C GLN A 453 -10.77 80.70 18.41
N ASP A 454 -10.51 80.06 17.28
CA ASP A 454 -10.05 78.68 17.25
C ASP A 454 -8.53 78.55 17.34
N ALA A 455 -7.80 79.66 17.38
CA ALA A 455 -6.34 79.60 17.41
C ALA A 455 -5.86 78.93 18.71
N GLY A 456 -4.62 78.48 18.68
CA GLY A 456 -4.02 77.76 19.78
C GLY A 456 -3.51 76.40 19.34
N ASN A 457 -2.93 75.68 20.29
CA ASN A 457 -2.43 74.34 20.01
C ASN A 457 -3.39 73.27 20.52
N TYR A 458 -3.45 72.17 19.79
CA TYR A 458 -4.42 71.11 19.97
C TYR A 458 -3.69 69.80 20.29
N THR A 459 -4.40 68.89 20.95
CA THR A 459 -3.85 67.61 21.35
C THR A 459 -4.81 66.50 20.98
N CYS A 460 -4.24 65.39 20.52
CA CYS A 460 -4.94 64.22 20.02
C CYS A 460 -4.66 63.05 20.94
N TYR A 461 -5.72 62.40 21.42
CA TYR A 461 -5.64 61.34 22.43
C TYR A 461 -6.16 60.05 21.83
N ALA A 462 -5.27 59.13 21.47
CA ALA A 462 -5.65 57.83 20.92
C ALA A 462 -5.45 56.76 21.98
N ALA A 463 -6.47 55.95 22.22
CA ALA A 463 -6.42 54.98 23.30
C ALA A 463 -7.14 53.70 22.94
N ASN A 464 -6.51 52.55 23.25
CA ASN A 464 -7.15 51.25 23.21
C ASN A 464 -7.10 50.65 24.61
N THR A 465 -7.40 49.36 24.71
CA THR A 465 -7.39 48.70 26.02
C THR A 465 -5.98 48.54 26.57
N GLU A 466 -4.95 48.57 25.71
CA GLU A 466 -3.59 48.34 26.17
C GLU A 466 -2.96 49.61 26.74
N ALA A 467 -2.99 50.71 25.99
CA ALA A 467 -2.36 51.96 26.44
C ALA A 467 -3.01 53.12 25.69
N SER A 468 -2.50 54.33 25.97
CA SER A 468 -2.97 55.55 25.34
C SER A 468 -1.78 56.43 25.01
N VAL A 469 -1.86 57.15 23.89
CA VAL A 469 -0.80 58.04 23.42
C VAL A 469 -1.40 59.37 23.02
N ASN A 470 -0.65 60.44 23.27
CA ASN A 470 -1.08 61.80 23.04
C ASN A 470 -0.10 62.51 22.13
N ALA A 471 -0.60 63.42 21.28
CA ALA A 471 0.27 64.16 20.37
C ALA A 471 -0.29 65.55 20.13
N SER A 472 0.57 66.57 20.26
CA SER A 472 0.15 67.96 20.23
C SER A 472 0.78 68.71 19.07
N ALA A 473 0.10 69.77 18.63
CA ALA A 473 0.62 70.60 17.55
C ALA A 473 -0.03 71.98 17.61
N MET A 474 0.73 72.99 17.21
CA MET A 474 0.28 74.38 17.30
C MET A 474 -0.43 74.81 16.02
N LEU A 475 -1.55 75.51 16.19
CA LEU A 475 -2.36 76.02 15.09
C LEU A 475 -2.52 77.52 15.25
N THR A 476 -2.07 78.28 14.25
CA THR A 476 -2.18 79.73 14.25
C THR A 476 -3.08 80.17 13.11
N VAL A 477 -4.08 80.98 13.43
CA VAL A 477 -5.05 81.47 12.46
C VAL A 477 -4.65 82.86 12.03
N TRP A 478 -4.60 83.10 10.71
CA TRP A 478 -4.27 84.41 10.17
C TRP A 478 -5.53 85.18 9.79
N ASN A 479 -5.44 86.50 9.89
CA ASN A 479 -6.58 87.36 9.63
C ASN A 479 -6.92 87.38 8.15
N ARG A 480 -8.23 87.52 7.86
CA ARG A 480 -8.72 87.54 6.49
C ARG A 480 -8.27 88.80 5.76
N GLN B 6 -11.70 -34.48 -7.14
CA GLN B 6 -10.84 -35.35 -7.92
C GLN B 6 -9.87 -36.10 -7.02
N ASP B 7 -8.99 -36.90 -7.64
CA ASP B 7 -8.07 -37.75 -6.88
C ASP B 7 -6.62 -37.59 -7.33
N ASP B 8 -6.29 -36.51 -8.06
CA ASP B 8 -4.94 -36.29 -8.54
C ASP B 8 -4.75 -34.79 -8.76
N VAL B 9 -4.79 -34.03 -7.68
CA VAL B 9 -4.73 -32.57 -7.72
C VAL B 9 -3.39 -32.13 -7.12
N ALA B 10 -2.69 -31.26 -7.84
CA ALA B 10 -1.45 -30.69 -7.35
C ALA B 10 -1.73 -29.59 -6.33
N PRO B 11 -0.76 -29.26 -5.48
CA PRO B 11 -0.99 -28.25 -4.44
C PRO B 11 -1.24 -26.87 -5.02
N TYR B 12 -1.97 -26.07 -4.25
CA TYR B 12 -2.22 -24.66 -4.56
C TYR B 12 -2.63 -23.97 -3.27
N PHE B 13 -2.24 -22.71 -3.15
CA PHE B 13 -2.45 -21.98 -1.91
C PHE B 13 -3.85 -21.38 -1.84
N LYS B 14 -4.45 -21.44 -0.65
CA LYS B 14 -5.75 -20.81 -0.45
C LYS B 14 -5.60 -19.30 -0.23
N THR B 15 -4.56 -18.89 0.48
CA THR B 15 -4.33 -17.47 0.75
C THR B 15 -2.83 -17.20 0.79
N GLU B 16 -2.44 -16.06 0.23
CA GLU B 16 -1.06 -15.64 0.11
C GLU B 16 -0.70 -14.64 1.20
N PRO B 17 0.60 -14.47 1.51
CA PRO B 17 0.98 -13.58 2.61
C PRO B 17 0.59 -12.14 2.34
N GLY B 18 0.27 -11.43 3.42
CA GLY B 18 -0.03 -10.02 3.35
C GLY B 18 1.23 -9.17 3.34
N LEU B 19 1.01 -7.86 3.42
CA LEU B 19 2.10 -6.90 3.41
C LEU B 19 3.03 -7.13 4.61
N PRO B 20 4.29 -6.68 4.51
CA PRO B 20 5.22 -6.87 5.62
C PRO B 20 4.68 -6.26 6.91
N GLN B 21 5.10 -6.82 8.04
CA GLN B 21 4.58 -6.30 9.31
C GLN B 21 5.65 -6.39 10.38
N ILE B 22 5.56 -5.47 11.34
CA ILE B 22 6.49 -5.38 12.46
C ILE B 22 5.78 -5.81 13.73
N HIS B 23 6.49 -6.56 14.58
CA HIS B 23 5.94 -7.13 15.80
C HIS B 23 6.87 -6.80 16.96
N LEU B 24 6.30 -6.81 18.17
CA LEU B 24 7.07 -6.49 19.36
C LEU B 24 7.85 -7.69 19.84
N GLU B 25 9.05 -7.43 20.38
CA GLU B 25 9.82 -8.47 21.02
C GLU B 25 9.03 -9.05 22.19
N GLY B 26 9.07 -10.38 22.31
CA GLY B 26 8.37 -11.04 23.39
C GLY B 26 6.93 -11.40 23.09
N ASN B 27 6.41 -11.04 21.93
CA ASN B 27 5.05 -11.39 21.55
C ASN B 27 5.02 -12.71 20.80
N ARG B 28 3.83 -13.29 20.72
CA ARG B 28 3.62 -14.59 20.10
C ARG B 28 3.27 -14.41 18.63
N LEU B 29 3.93 -15.17 17.77
CA LEU B 29 3.71 -15.09 16.33
C LEU B 29 3.27 -16.45 15.81
N VAL B 30 2.24 -16.47 14.97
CA VAL B 30 1.72 -17.70 14.39
C VAL B 30 1.61 -17.52 12.89
N LEU B 31 2.48 -18.18 12.14
CA LEU B 31 2.38 -18.23 10.69
C LEU B 31 1.58 -19.46 10.30
N THR B 32 0.74 -19.31 9.28
CA THR B 32 -0.05 -20.41 8.77
C THR B 32 0.25 -20.61 7.29
N CYS B 33 0.20 -21.87 6.87
CA CYS B 33 0.41 -22.24 5.47
C CYS B 33 -0.86 -22.94 5.00
N LEU B 34 -1.76 -22.16 4.42
CA LEU B 34 -3.10 -22.66 4.06
C LEU B 34 -3.11 -22.94 2.57
N ALA B 35 -2.96 -24.22 2.22
CA ALA B 35 -3.02 -24.68 0.84
C ALA B 35 -3.94 -25.89 0.77
N GLU B 36 -4.41 -26.19 -0.43
CA GLU B 36 -5.26 -27.34 -0.67
C GLU B 36 -4.65 -28.16 -1.79
N GLY B 37 -5.13 -29.39 -1.91
CA GLY B 37 -4.62 -30.32 -2.90
C GLY B 37 -4.79 -31.74 -2.44
N SER B 38 -4.55 -32.66 -3.37
CA SER B 38 -4.75 -34.08 -3.07
C SER B 38 -3.77 -34.52 -1.99
N TRP B 39 -4.29 -35.18 -0.97
CA TRP B 39 -3.50 -35.65 0.17
C TRP B 39 -2.52 -36.76 -0.24
N PRO B 40 -1.51 -37.03 0.61
CA PRO B 40 -1.14 -36.40 1.88
C PRO B 40 -0.35 -35.11 1.70
N LEU B 41 -0.83 -34.02 2.30
CA LEU B 41 -0.16 -32.74 2.20
C LEU B 41 0.87 -32.59 3.30
N GLU B 42 2.02 -32.01 2.94
CA GLU B 42 3.11 -31.77 3.87
C GLU B 42 3.57 -30.33 3.75
N PHE B 43 4.13 -29.81 4.84
CA PHE B 43 4.53 -28.42 4.93
C PHE B 43 5.94 -28.33 5.51
N LYS B 44 6.78 -27.55 4.86
CA LYS B 44 8.13 -27.24 5.32
C LYS B 44 8.25 -25.73 5.42
N TRP B 45 8.99 -25.23 6.41
CA TRP B 45 9.13 -23.80 6.62
C TRP B 45 10.56 -23.36 6.37
N ILE B 46 10.69 -22.15 5.82
CA ILE B 46 11.98 -21.61 5.37
C ILE B 46 12.09 -20.17 5.85
N ARG B 47 13.25 -19.82 6.41
CA ARG B 47 13.59 -18.44 6.73
C ARG B 47 14.91 -18.09 6.09
N ASN B 48 14.92 -17.02 5.29
CA ASN B 48 16.14 -16.51 4.66
C ASN B 48 16.81 -17.57 3.78
N ASP B 49 16.01 -18.20 2.92
CA ASP B 49 16.50 -19.25 2.03
C ASP B 49 17.21 -20.36 2.79
N SER B 50 16.76 -20.62 4.02
CA SER B 50 17.32 -21.67 4.87
C SER B 50 16.19 -22.50 5.45
N GLU B 51 16.32 -23.82 5.33
CA GLU B 51 15.28 -24.72 5.83
C GLU B 51 15.23 -24.68 7.36
N LEU B 52 14.08 -24.28 7.90
CA LEU B 52 13.88 -24.26 9.34
C LEU B 52 13.39 -25.61 9.86
N THR B 53 12.33 -26.14 9.27
CA THR B 53 11.70 -27.37 9.70
C THR B 53 11.81 -28.42 8.60
N THR B 54 11.33 -29.62 8.89
CA THR B 54 11.18 -30.67 7.91
C THR B 54 9.72 -30.74 7.48
N TYR B 55 9.44 -31.61 6.50
CA TYR B 55 8.07 -31.80 6.05
C TYR B 55 7.24 -32.48 7.13
N SER B 56 6.05 -31.97 7.39
CA SER B 56 5.15 -32.56 8.37
C SER B 56 3.73 -32.12 8.04
N SER B 57 2.77 -32.75 8.73
CA SER B 57 1.37 -32.40 8.60
C SER B 57 1.00 -31.14 9.37
N GLU B 58 1.99 -30.43 9.91
CA GLU B 58 1.76 -29.23 10.70
C GLU B 58 1.93 -28.02 9.79
N TYR B 59 0.81 -27.42 9.41
CA TYR B 59 0.81 -26.25 8.55
C TYR B 59 1.06 -24.95 9.31
N LYS B 60 1.22 -25.00 10.62
CA LYS B 60 1.47 -23.82 11.43
C LYS B 60 2.96 -23.68 11.75
N TYR B 61 3.32 -22.50 12.24
CA TYR B 61 4.67 -22.26 12.76
C TYR B 61 4.55 -21.19 13.84
N ILE B 62 4.82 -21.55 15.09
CA ILE B 62 4.54 -20.70 16.23
C ILE B 62 5.86 -20.32 16.91
N ILE B 63 6.05 -19.02 17.12
CA ILE B 63 7.11 -18.48 17.95
C ILE B 63 6.47 -17.95 19.23
N PRO B 64 6.61 -18.64 20.36
CA PRO B 64 5.90 -18.20 21.57
C PRO B 64 6.39 -16.86 22.10
N SER B 65 7.68 -16.55 21.96
CA SER B 65 8.22 -15.28 22.38
C SER B 65 9.19 -14.79 21.31
N LEU B 66 8.81 -13.71 20.63
CA LEU B 66 9.64 -13.19 19.55
C LEU B 66 10.92 -12.58 20.09
N GLN B 67 12.03 -12.85 19.40
CA GLN B 67 13.31 -12.21 19.64
C GLN B 67 13.70 -11.42 18.39
N LYS B 68 14.81 -10.68 18.50
CA LYS B 68 15.25 -9.89 17.35
C LYS B 68 15.84 -10.79 16.26
N LEU B 69 16.44 -11.91 16.64
CA LEU B 69 17.05 -12.80 15.67
C LEU B 69 16.00 -13.53 14.81
N ASP B 70 14.75 -13.59 15.27
CA ASP B 70 13.69 -14.20 14.48
C ASP B 70 13.26 -13.34 13.29
N ALA B 71 13.76 -12.12 13.20
CA ALA B 71 13.34 -11.22 12.12
C ALA B 71 13.91 -11.68 10.79
N GLY B 72 13.13 -11.52 9.74
CA GLY B 72 13.57 -11.87 8.40
C GLY B 72 12.38 -12.18 7.51
N PHE B 73 12.67 -12.95 6.46
CA PHE B 73 11.69 -13.32 5.45
C PHE B 73 11.37 -14.80 5.58
N TYR B 74 10.10 -15.11 5.79
CA TYR B 74 9.64 -16.49 5.94
C TYR B 74 8.81 -16.90 4.74
N ARG B 75 8.79 -18.20 4.46
CA ARG B 75 7.96 -18.74 3.39
C ARG B 75 7.76 -20.22 3.60
N CYS B 76 6.66 -20.73 3.08
CA CYS B 76 6.25 -22.10 3.29
C CYS B 76 6.28 -22.89 1.99
N VAL B 77 6.50 -24.20 2.11
CA VAL B 77 6.50 -25.13 0.99
C VAL B 77 5.50 -26.23 1.26
N VAL B 78 4.61 -26.48 0.30
CA VAL B 78 3.62 -27.54 0.40
C VAL B 78 3.99 -28.62 -0.61
N ARG B 79 3.78 -29.88 -0.22
CA ARG B 79 4.16 -30.99 -1.08
C ARG B 79 3.20 -32.16 -0.89
N ASN B 80 2.78 -32.77 -1.99
CA ASN B 80 2.12 -34.07 -1.95
C ASN B 80 2.81 -34.96 -2.97
N ARG B 81 2.11 -36.01 -3.42
CA ARG B 81 2.70 -36.94 -4.37
C ARG B 81 2.90 -36.32 -5.75
N MET B 82 2.14 -35.27 -6.07
CA MET B 82 2.27 -34.65 -7.39
C MET B 82 3.55 -33.81 -7.47
N GLY B 83 3.64 -32.76 -6.67
CA GLY B 83 4.81 -31.91 -6.69
C GLY B 83 4.85 -31.00 -5.48
N ALA B 84 5.75 -30.02 -5.54
CA ALA B 84 5.97 -29.09 -4.45
C ALA B 84 5.76 -27.66 -4.95
N LEU B 85 5.09 -26.86 -4.12
CA LEU B 85 4.81 -25.46 -4.43
C LEU B 85 5.36 -24.59 -3.31
N LEU B 86 5.89 -23.43 -3.69
CA LEU B 86 6.55 -22.53 -2.75
C LEU B 86 5.72 -21.26 -2.56
N GLN B 87 5.60 -20.83 -1.31
CA GLN B 87 4.84 -19.64 -0.97
C GLN B 87 5.66 -18.38 -1.22
N ARG B 88 4.96 -17.28 -1.45
CA ARG B 88 5.64 -15.99 -1.56
C ARG B 88 6.23 -15.59 -0.22
N LYS B 89 7.21 -14.69 -0.27
CA LYS B 89 7.86 -14.22 0.94
C LYS B 89 6.89 -13.44 1.81
N SER B 90 7.03 -13.60 3.12
CA SER B 90 6.35 -12.74 4.09
C SER B 90 7.39 -12.14 5.01
N GLU B 91 7.40 -10.80 5.10
CA GLU B 91 8.44 -10.09 5.83
C GLU B 91 7.99 -9.83 7.27
N ILE B 92 8.63 -10.52 8.20
CA ILE B 92 8.36 -10.39 9.63
C ILE B 92 9.51 -9.60 10.24
N GLN B 93 9.21 -8.37 10.67
CA GLN B 93 10.18 -7.51 11.33
C GLN B 93 9.92 -7.51 12.84
N VAL B 94 10.99 -7.30 13.60
CA VAL B 94 10.93 -7.32 15.07
C VAL B 94 11.44 -5.98 15.58
N ALA B 95 10.72 -5.38 16.52
CA ALA B 95 11.05 -4.07 17.04
C ALA B 95 11.94 -4.21 18.28
N TYR B 96 13.14 -3.62 18.20
CA TYR B 96 14.06 -3.59 19.33
C TYR B 96 14.74 -2.24 19.35
N MET B 97 15.34 -1.90 20.49
CA MET B 97 16.19 -0.71 20.58
C MET B 97 17.34 -0.98 21.54
N GLY B 98 18.55 -0.72 21.07
CA GLY B 98 19.74 -0.99 21.84
C GLY B 98 20.06 0.12 22.82
N ASN B 99 21.32 0.16 23.23
CA ASN B 99 21.80 1.15 24.18
C ASN B 99 22.97 1.92 23.56
N PHE B 100 23.11 3.17 23.97
CA PHE B 100 24.21 3.98 23.49
C PHE B 100 25.53 3.52 24.11
N MET B 101 26.61 3.72 23.35
CA MET B 101 27.94 3.54 23.91
C MET B 101 28.17 4.57 25.01
N ASP B 102 28.49 4.11 26.21
CA ASP B 102 28.56 4.98 27.39
C ASP B 102 29.93 5.64 27.47
N THR B 103 30.10 6.70 26.66
CA THR B 103 31.29 7.53 26.73
C THR B 103 30.99 8.86 26.04
N ASP B 104 31.51 9.93 26.60
CA ASP B 104 31.33 11.24 26.00
C ASP B 104 32.20 11.38 24.76
N GLN B 105 31.82 12.30 23.88
CA GLN B 105 32.58 12.60 22.68
C GLN B 105 32.87 14.09 22.63
N ARG B 106 33.66 14.51 21.65
CA ARG B 106 34.07 15.90 21.51
C ARG B 106 34.08 16.28 20.03
N LYS B 107 33.72 17.52 19.76
CA LYS B 107 33.74 18.07 18.41
C LYS B 107 34.10 19.54 18.49
N THR B 108 34.81 20.02 17.46
CA THR B 108 35.26 21.40 17.41
C THR B 108 34.85 22.02 16.08
N VAL B 109 34.26 23.21 16.13
CA VAL B 109 33.83 23.95 14.95
C VAL B 109 34.36 25.37 15.05
N SER B 110 34.86 25.88 13.92
CA SER B 110 35.29 27.26 13.86
C SER B 110 34.07 28.19 13.78
N GLN B 111 34.22 29.39 14.33
CA GLN B 111 33.09 30.31 14.46
C GLN B 111 32.47 30.62 13.11
N GLY B 112 31.15 30.62 13.06
CA GLY B 112 30.40 30.90 11.84
C GLY B 112 30.06 29.68 11.02
N HIS B 113 30.97 28.71 10.95
CA HIS B 113 30.71 27.49 10.22
C HIS B 113 29.52 26.74 10.83
N ALA B 114 28.99 25.79 10.06
CA ALA B 114 27.89 24.98 10.55
C ALA B 114 28.43 23.87 11.44
N ALA B 115 27.72 23.62 12.55
CA ALA B 115 28.04 22.53 13.46
C ALA B 115 27.03 21.42 13.26
N LEU B 116 27.50 20.22 12.94
CA LEU B 116 26.63 19.10 12.62
C LEU B 116 26.95 17.95 13.58
N LEU B 117 26.07 17.74 14.55
CA LEU B 117 26.24 16.69 15.55
C LEU B 117 25.41 15.49 15.15
N ASN B 118 26.07 14.37 14.86
CA ASN B 118 25.38 13.15 14.47
C ASN B 118 24.83 12.43 15.69
N LEU B 119 23.70 11.76 15.48
CA LEU B 119 23.15 10.89 16.52
C LEU B 119 24.15 9.78 16.82
N LEU B 120 24.54 9.66 18.10
CA LEU B 120 25.50 8.66 18.49
C LEU B 120 24.98 7.26 18.14
N PRO B 121 25.89 6.31 17.91
CA PRO B 121 25.45 4.98 17.43
C PRO B 121 24.48 4.32 18.39
N ILE B 122 23.41 3.75 17.83
CA ILE B 122 22.46 2.94 18.57
C ILE B 122 21.66 2.11 17.58
N VAL B 123 21.63 0.80 17.80
CA VAL B 123 20.82 -0.09 16.98
C VAL B 123 19.37 0.01 17.44
N SER B 124 18.45 0.20 16.48
CA SER B 124 17.05 0.37 16.81
C SER B 124 16.19 0.06 15.60
N CYS B 125 15.08 -0.64 15.84
CA CYS B 125 14.09 -0.88 14.78
C CYS B 125 12.70 -0.58 15.31
N PRO B 126 12.00 0.36 14.68
CA PRO B 126 12.51 1.15 13.55
C PRO B 126 13.39 2.31 14.01
N GLN B 127 13.65 3.25 13.11
CA GLN B 127 14.44 4.43 13.46
C GLN B 127 13.78 5.14 14.64
N PRO B 128 14.52 5.45 15.70
CA PRO B 128 13.92 6.11 16.85
C PRO B 128 13.67 7.58 16.59
N GLN B 129 12.71 8.12 17.34
CA GLN B 129 12.47 9.56 17.35
C GLN B 129 13.36 10.18 18.42
N VAL B 130 14.03 11.28 18.06
CA VAL B 130 15.03 11.85 18.95
C VAL B 130 14.59 13.23 19.41
N THR B 131 15.09 13.63 20.57
CA THR B 131 14.91 14.97 21.10
C THR B 131 16.26 15.45 21.60
N TRP B 132 16.78 16.50 20.99
CA TRP B 132 18.10 17.00 21.33
C TRP B 132 18.01 17.97 22.50
N PHE B 133 19.07 18.00 23.29
CA PHE B 133 19.16 18.75 24.52
C PHE B 133 20.54 19.37 24.65
N ARG B 134 20.58 20.55 25.27
CA ARG B 134 21.83 21.23 25.60
C ARG B 134 21.69 21.82 27.00
N GLU B 135 22.51 21.34 27.93
CA GLU B 135 22.50 21.81 29.31
C GLU B 135 21.12 21.65 29.95
N GLY B 136 20.40 20.60 29.57
CA GLY B 136 19.10 20.34 30.15
C GLY B 136 17.95 21.08 29.51
N HIS B 137 18.16 21.71 28.36
CA HIS B 137 17.11 22.46 27.68
C HIS B 137 16.82 21.83 26.32
N LYS B 138 15.55 21.57 26.05
CA LYS B 138 15.16 20.98 24.78
C LYS B 138 15.46 21.94 23.64
N ILE B 139 16.00 21.41 22.56
CA ILE B 139 16.33 22.19 21.37
C ILE B 139 15.23 21.96 20.35
N ILE B 140 14.44 23.00 20.08
CA ILE B 140 13.39 22.96 19.08
C ILE B 140 13.90 23.67 17.82
N PRO B 141 13.70 23.11 16.63
CA PRO B 141 14.26 23.73 15.43
C PRO B 141 13.77 25.15 15.21
N SER B 142 14.65 25.99 14.70
CA SER B 142 14.33 27.37 14.38
C SER B 142 14.94 27.71 13.03
N SER B 143 14.98 29.00 12.69
CA SER B 143 15.61 29.41 11.45
C SER B 143 17.11 29.10 11.46
N ARG B 144 17.71 28.99 12.64
CA ARG B 144 19.14 28.75 12.77
C ARG B 144 19.48 27.34 13.20
N ILE B 145 18.50 26.56 13.64
CA ILE B 145 18.71 25.22 14.16
C ILE B 145 17.79 24.26 13.42
N ALA B 146 18.36 23.15 12.95
CA ALA B 146 17.57 22.15 12.24
C ALA B 146 17.90 20.76 12.76
N ILE B 147 16.99 19.82 12.53
CA ILE B 147 17.18 18.41 12.87
C ILE B 147 16.87 17.60 11.62
N THR B 148 17.92 17.10 10.96
CA THR B 148 17.75 16.43 9.68
C THR B 148 16.97 15.13 9.84
N LEU B 149 16.62 14.53 8.70
CA LEU B 149 15.87 13.28 8.69
C LEU B 149 16.66 12.13 9.27
N GLU B 150 17.99 12.19 9.23
CA GLU B 150 18.83 11.19 9.87
C GLU B 150 19.10 11.50 11.34
N ASN B 151 18.24 12.30 11.97
CA ASN B 151 18.30 12.62 13.40
C ASN B 151 19.54 13.43 13.78
N GLN B 152 20.19 14.07 12.81
CA GLN B 152 21.37 14.89 13.08
C GLN B 152 20.96 16.30 13.46
N LEU B 153 21.66 16.87 14.44
CA LEU B 153 21.45 18.26 14.83
C LEU B 153 22.35 19.17 14.02
N VAL B 154 21.81 20.32 13.61
CA VAL B 154 22.51 21.27 12.76
C VAL B 154 22.37 22.67 13.36
N ILE B 155 23.48 23.24 13.79
CA ILE B 155 23.55 24.60 14.30
C ILE B 155 24.17 25.48 13.22
N LEU B 156 23.42 26.46 12.73
CA LEU B 156 23.89 27.36 11.70
C LEU B 156 24.54 28.59 12.31
N ALA B 157 25.58 29.09 11.64
CA ALA B 157 26.30 30.29 12.04
C ALA B 157 26.63 30.25 13.53
N THR B 158 27.55 29.35 13.87
CA THR B 158 27.86 29.10 15.27
C THR B 158 28.62 30.27 15.88
N THR B 159 28.28 30.60 17.12
CA THR B 159 28.96 31.61 17.92
C THR B 159 29.55 30.95 19.16
N ALA B 160 30.27 31.76 19.95
CA ALA B 160 30.88 31.22 21.17
C ALA B 160 29.82 30.73 22.14
N SER B 161 28.62 31.32 22.09
CA SER B 161 27.54 30.89 22.97
C SER B 161 27.01 29.51 22.62
N ASP B 162 27.34 28.97 21.44
CA ASP B 162 26.87 27.66 21.04
C ASP B 162 27.72 26.53 21.60
N ALA B 163 28.87 26.83 22.20
CA ALA B 163 29.68 25.79 22.81
C ALA B 163 28.95 25.21 24.02
N GLY B 164 29.25 23.96 24.32
CA GLY B 164 28.63 23.29 25.45
C GLY B 164 28.47 21.81 25.18
N ALA B 165 27.92 21.13 26.18
CA ALA B 165 27.70 19.68 26.12
C ALA B 165 26.28 19.42 25.65
N TYR B 166 26.14 18.69 24.54
CA TYR B 166 24.85 18.30 23.99
C TYR B 166 24.59 16.83 24.28
N TYR B 167 23.32 16.45 24.26
CA TYR B 167 22.96 15.04 24.39
C TYR B 167 21.57 14.86 23.81
N VAL B 168 21.18 13.61 23.60
CA VAL B 168 19.91 13.33 22.93
C VAL B 168 19.15 12.27 23.72
N GLN B 169 17.82 12.33 23.63
CA GLN B 169 16.93 11.35 24.22
C GLN B 169 16.14 10.70 23.09
N ALA B 170 16.29 9.39 22.93
CA ALA B 170 15.66 8.66 21.84
C ALA B 170 14.54 7.78 22.37
N VAL B 171 13.47 7.66 21.58
CA VAL B 171 12.30 6.86 21.92
C VAL B 171 11.91 6.04 20.69
N ASN B 172 11.82 4.72 20.86
CA ASN B 172 11.36 3.84 19.80
C ASN B 172 9.84 3.88 19.77
N GLU B 173 9.27 4.41 18.67
CA GLU B 173 7.84 4.67 18.59
C GLU B 173 6.98 3.41 18.65
N LYS B 174 7.56 2.23 18.47
CA LYS B 174 6.78 1.00 18.43
C LYS B 174 6.70 0.29 19.78
N ASN B 175 7.78 0.23 20.56
CA ASN B 175 7.75 -0.41 21.86
C ASN B 175 7.82 0.58 23.02
N GLY B 176 7.96 1.88 22.74
CA GLY B 176 7.96 2.88 23.77
C GLY B 176 9.23 2.98 24.58
N GLU B 177 10.22 2.15 24.31
CA GLU B 177 11.49 2.22 25.02
C GLU B 177 12.17 3.55 24.75
N ASN B 178 12.92 4.04 25.74
CA ASN B 178 13.65 5.30 25.57
C ASN B 178 15.02 5.19 26.23
N LYS B 179 16.02 5.76 25.57
CA LYS B 179 17.40 5.73 26.03
C LYS B 179 18.01 7.13 25.87
N THR B 180 18.85 7.51 26.83
CA THR B 180 19.51 8.80 26.82
C THR B 180 21.00 8.60 26.51
N SER B 181 21.52 9.42 25.60
CA SER B 181 22.89 9.29 25.13
C SER B 181 23.87 10.00 26.05
N PRO B 182 25.16 9.67 25.95
CA PRO B 182 26.18 10.50 26.61
C PRO B 182 26.36 11.84 25.92
N PHE B 183 27.34 12.63 26.37
CA PHE B 183 27.47 14.01 25.92
C PHE B 183 28.39 14.11 24.71
N ILE B 184 28.09 15.08 23.86
CA ILE B 184 28.99 15.54 22.81
C ILE B 184 29.40 16.96 23.18
N HIS B 185 30.65 17.13 23.57
CA HIS B 185 31.17 18.43 23.96
C HIS B 185 31.59 19.18 22.71
N LEU B 186 30.80 20.18 22.33
CA LEU B 186 31.08 21.00 21.16
C LEU B 186 31.78 22.28 21.59
N SER B 187 32.92 22.56 20.98
CA SER B 187 33.68 23.77 21.25
C SER B 187 33.74 24.62 19.99
N VAL B 188 33.70 25.93 20.17
CA VAL B 188 33.69 26.89 19.06
C VAL B 188 34.98 27.70 19.11
N ALA B 189 35.73 27.68 18.01
CA ALA B 189 36.93 28.50 17.88
C ALA B 189 36.55 29.87 17.34
N ARG B 190 36.98 30.92 18.04
CA ARG B 190 36.59 32.30 17.71
C ARG B 190 37.53 32.95 16.71
N ASP B 191 38.09 32.18 15.77
CA ASP B 191 39.09 32.73 14.87
C ASP B 191 38.47 33.47 13.68
N THR B 192 37.35 32.96 13.15
CA THR B 192 36.74 33.57 11.97
C THR B 192 36.29 35.00 12.26
N GLY B 193 35.80 35.26 13.46
CA GLY B 193 35.48 36.60 13.88
C GLY B 193 33.98 36.80 14.06
N THR B 194 33.65 37.83 14.86
CA THR B 194 32.25 38.17 15.09
C THR B 194 31.62 38.82 13.87
N HIS B 195 32.41 39.55 13.08
CA HIS B 195 31.91 40.26 11.90
C HIS B 195 32.62 39.74 10.67
N GLU B 196 31.85 39.16 9.75
CA GLU B 196 32.33 38.70 8.45
C GLU B 196 31.12 38.25 7.65
N ALA B 197 31.36 37.84 6.41
CA ALA B 197 30.30 37.31 5.54
C ALA B 197 30.72 35.94 5.05
N MET B 198 29.83 34.97 5.20
CA MET B 198 30.08 33.60 4.79
C MET B 198 29.16 33.24 3.64
N ALA B 199 29.75 32.85 2.51
CA ALA B 199 28.97 32.42 1.36
C ALA B 199 28.11 31.21 1.74
N PRO B 200 26.92 31.09 1.16
CA PRO B 200 26.07 29.94 1.47
C PRO B 200 26.71 28.64 1.02
N ILE B 201 26.69 27.65 1.91
CA ILE B 201 27.25 26.32 1.65
C ILE B 201 26.19 25.29 2.03
N ILE B 202 25.94 24.35 1.13
CA ILE B 202 24.97 23.30 1.39
C ILE B 202 25.62 22.25 2.29
N VAL B 203 25.11 22.12 3.52
CA VAL B 203 25.68 21.19 4.49
C VAL B 203 25.11 19.80 4.29
N VAL B 204 23.79 19.70 4.13
CA VAL B 204 23.10 18.43 3.96
C VAL B 204 22.39 18.46 2.62
N ALA B 205 22.91 17.74 1.64
CA ALA B 205 22.34 17.79 0.31
C ALA B 205 21.18 16.81 0.17
N PRO B 206 20.24 17.09 -0.73
CA PRO B 206 19.18 16.11 -1.01
C PRO B 206 19.75 14.93 -1.77
N GLY B 207 19.19 13.75 -1.49
CA GLY B 207 19.65 12.52 -2.10
C GLY B 207 18.64 11.97 -3.09
N ASN B 208 19.15 11.19 -4.04
CA ASN B 208 18.27 10.47 -4.97
C ASN B 208 17.26 9.64 -4.20
N ARG B 209 16.06 9.52 -4.76
CA ARG B 209 14.98 8.77 -4.12
C ARG B 209 14.21 7.96 -5.17
N SER B 210 13.85 6.74 -4.80
CA SER B 210 13.03 5.86 -5.62
C SER B 210 11.88 5.35 -4.77
N VAL B 211 10.65 5.50 -5.28
CA VAL B 211 9.44 5.28 -4.50
C VAL B 211 8.53 4.30 -5.23
N VAL B 212 8.06 3.29 -4.50
CA VAL B 212 7.09 2.36 -5.07
C VAL B 212 5.82 3.11 -5.45
N ALA B 213 5.32 2.81 -6.66
CA ALA B 213 4.16 3.53 -7.19
C ALA B 213 2.94 3.33 -6.30
N GLY B 214 2.33 4.44 -5.88
CA GLY B 214 1.17 4.42 -5.03
C GLY B 214 1.44 4.77 -3.57
N SER B 215 2.66 5.17 -3.23
CA SER B 215 2.98 5.49 -1.85
C SER B 215 2.31 6.80 -1.44
N SER B 216 2.16 6.96 -0.12
CA SER B 216 1.44 8.10 0.41
C SER B 216 2.20 9.40 0.15
N GLU B 217 3.47 9.47 0.54
CA GLU B 217 4.22 10.72 0.41
C GLU B 217 5.71 10.41 0.41
N THR B 218 6.49 11.39 -0.04
CA THR B 218 7.94 11.33 0.00
C THR B 218 8.48 12.71 0.35
N THR B 219 9.67 12.74 0.95
CA THR B 219 10.20 13.99 1.51
C THR B 219 11.65 14.19 1.13
N LEU B 220 12.01 15.44 0.89
CA LEU B 220 13.36 15.87 0.56
C LEU B 220 13.80 16.97 1.52
N GLU B 221 15.09 16.98 1.83
CA GLU B 221 15.64 17.93 2.79
C GLU B 221 16.88 18.61 2.20
N CYS B 222 17.17 19.79 2.74
CA CYS B 222 18.32 20.57 2.28
C CYS B 222 18.65 21.60 3.34
N ILE B 223 19.80 21.43 4.00
CA ILE B 223 20.26 22.35 5.02
C ILE B 223 21.45 23.13 4.47
N ALA B 224 21.47 24.43 4.73
CA ALA B 224 22.55 25.29 4.24
C ALA B 224 22.96 26.26 5.34
N ASN B 225 24.20 26.72 5.22
CA ASN B 225 24.81 27.61 6.21
C ASN B 225 25.28 28.89 5.53
N ALA B 226 25.07 30.02 6.21
CA ALA B 226 25.48 31.33 5.71
C ALA B 226 25.39 32.32 6.86
N ARG B 227 26.05 33.46 6.68
CA ARG B 227 26.04 34.50 7.69
C ARG B 227 26.04 35.89 7.03
N PRO B 228 25.15 36.78 7.47
CA PRO B 228 24.17 36.62 8.56
C PRO B 228 23.01 35.69 8.21
N VAL B 229 22.70 34.77 9.12
CA VAL B 229 21.69 33.76 8.88
C VAL B 229 20.31 34.38 8.68
N GLU B 230 20.12 35.64 9.10
CA GLU B 230 18.84 36.30 8.90
C GLU B 230 18.50 36.41 7.42
N GLU B 231 19.48 36.70 6.59
CA GLU B 231 19.26 36.91 5.15
C GLU B 231 19.38 35.63 4.33
N LEU B 232 19.57 34.48 4.96
CA LEU B 232 19.73 33.24 4.23
C LEU B 232 18.37 32.70 3.78
N SER B 233 18.28 32.36 2.49
CA SER B 233 17.05 31.83 1.91
C SER B 233 17.35 30.50 1.25
N VAL B 234 16.62 29.46 1.65
CA VAL B 234 16.69 28.14 1.06
C VAL B 234 15.38 27.90 0.30
N HIS B 235 15.49 27.62 -0.99
CA HIS B 235 14.32 27.46 -1.85
C HIS B 235 14.54 26.27 -2.79
N TRP B 236 13.43 25.75 -3.29
CA TRP B 236 13.42 24.58 -4.16
C TRP B 236 12.93 24.98 -5.54
N LYS B 237 13.68 24.60 -6.56
CA LYS B 237 13.31 24.82 -7.96
C LYS B 237 13.04 23.50 -8.64
N ARG B 238 11.96 23.43 -9.41
CA ARG B 238 11.70 22.32 -10.31
C ARG B 238 11.23 22.90 -11.64
N ASN B 239 11.80 22.39 -12.73
CA ASN B 239 11.51 22.90 -14.07
C ASN B 239 11.78 24.39 -14.15
N GLY B 240 12.84 24.84 -13.47
CA GLY B 240 13.25 26.22 -13.50
C GLY B 240 12.36 27.18 -12.73
N VAL B 241 11.33 26.69 -12.05
CA VAL B 241 10.42 27.54 -11.29
C VAL B 241 10.49 27.14 -9.82
N ARG B 242 10.57 28.14 -8.94
CA ARG B 242 10.60 27.87 -7.51
C ARG B 242 9.28 27.25 -7.06
N LEU B 243 9.38 26.21 -6.25
CA LEU B 243 8.20 25.51 -5.76
C LEU B 243 7.73 26.12 -4.45
N THR B 244 6.41 26.08 -4.24
CA THR B 244 5.80 26.66 -3.05
C THR B 244 4.94 25.70 -2.25
N SER B 245 4.50 24.59 -2.84
CA SER B 245 3.60 23.65 -2.17
C SER B 245 4.38 22.50 -1.57
N GLY B 246 4.01 22.11 -0.36
CA GLY B 246 4.68 21.01 0.31
C GLY B 246 5.92 21.39 1.07
N LEU B 247 6.14 22.68 1.33
CA LEU B 247 7.34 23.15 2.00
C LEU B 247 7.16 23.09 3.51
N HIS B 248 8.23 22.71 4.21
CA HIS B 248 8.20 22.54 5.64
C HIS B 248 9.52 23.02 6.25
N SER B 249 9.47 23.29 7.55
CA SER B 249 10.65 23.55 8.37
C SER B 249 11.51 24.67 7.78
N TYR B 250 10.93 25.86 7.72
CA TYR B 250 11.61 27.05 7.24
C TYR B 250 12.15 26.85 5.83
N GLY B 251 11.32 26.25 4.97
CA GLY B 251 11.69 26.02 3.59
C GLY B 251 12.81 25.03 3.39
N ARG B 252 13.22 24.32 4.43
CA ARG B 252 14.31 23.35 4.30
C ARG B 252 13.83 21.97 3.88
N ARG B 253 12.53 21.69 3.95
CA ARG B 253 11.98 20.39 3.59
C ARG B 253 10.87 20.57 2.58
N LEU B 254 10.92 19.79 1.50
CA LEU B 254 9.88 19.78 0.47
C LEU B 254 9.31 18.38 0.36
N THR B 255 7.99 18.25 0.42
CA THR B 255 7.33 16.96 0.45
C THR B 255 6.40 16.81 -0.76
N ILE B 256 6.61 15.73 -1.51
CA ILE B 256 5.71 15.37 -2.61
C ILE B 256 4.63 14.46 -2.04
N THR B 257 3.38 14.92 -2.09
CA THR B 257 2.25 14.15 -1.60
C THR B 257 1.62 13.38 -2.76
N ASN B 258 1.50 12.06 -2.59
CA ASN B 258 1.03 11.14 -3.64
C ASN B 258 1.87 11.30 -4.90
N PRO B 259 3.14 10.89 -4.88
CA PRO B 259 3.99 11.06 -6.06
C PRO B 259 3.55 10.15 -7.19
N THR B 260 3.58 10.70 -8.41
CA THR B 260 3.20 9.98 -9.62
C THR B 260 4.32 10.13 -10.64
N SER B 261 4.09 9.55 -11.83
CA SER B 261 5.09 9.62 -12.88
C SER B 261 5.34 11.06 -13.34
N ALA B 262 4.37 11.95 -13.15
CA ALA B 262 4.55 13.35 -13.50
C ALA B 262 5.45 14.09 -12.51
N ASP B 263 5.74 13.50 -11.36
CA ASP B 263 6.60 14.12 -10.36
C ASP B 263 8.04 13.62 -10.42
N THR B 264 8.32 12.61 -11.25
CA THR B 264 9.67 12.09 -11.39
C THR B 264 10.56 13.13 -12.05
N GLY B 265 11.87 12.88 -12.00
CA GLY B 265 12.82 13.79 -12.61
C GLY B 265 13.73 14.48 -11.60
N MET B 266 14.21 15.67 -11.96
CA MET B 266 15.18 16.37 -11.15
C MET B 266 14.51 17.46 -10.32
N TYR B 267 14.98 17.61 -9.09
CA TYR B 267 14.65 18.73 -8.21
C TYR B 267 15.96 19.38 -7.80
N VAL B 268 15.96 20.71 -7.70
CA VAL B 268 17.18 21.46 -7.43
C VAL B 268 16.98 22.27 -6.15
N CYS B 269 17.76 21.94 -5.12
CA CYS B 269 17.83 22.78 -3.94
C CYS B 269 18.80 23.93 -4.18
N GLU B 270 18.42 25.13 -3.74
CA GLU B 270 19.23 26.31 -3.94
C GLU B 270 19.18 27.18 -2.69
N ALA B 271 20.35 27.67 -2.28
CA ALA B 271 20.47 28.55 -1.12
C ALA B 271 21.18 29.82 -1.55
N THR B 272 20.62 30.96 -1.19
CA THR B 272 21.17 32.26 -1.51
C THR B 272 21.23 33.12 -0.27
N LEU B 273 22.20 34.04 -0.24
CA LEU B 273 22.29 35.05 0.79
C LEU B 273 21.69 36.33 0.22
N ARG B 274 20.48 36.67 0.67
CA ARG B 274 19.72 37.76 0.06
C ARG B 274 20.48 39.08 0.18
N GLY B 275 20.67 39.75 -0.95
CA GLY B 275 21.37 41.01 -0.98
C GLY B 275 22.86 40.92 -1.05
N SER B 276 23.42 39.75 -1.33
CA SER B 276 24.86 39.56 -1.37
C SER B 276 25.34 39.34 -2.80
N THR B 277 26.64 39.53 -2.98
CA THR B 277 27.30 39.26 -4.25
C THR B 277 27.75 37.80 -4.37
N PHE B 278 27.26 36.93 -3.49
CA PHE B 278 27.68 35.53 -3.47
C PHE B 278 26.90 34.72 -4.47
N GLU B 279 27.58 33.80 -5.14
CA GLU B 279 26.90 32.85 -6.00
C GLU B 279 26.10 31.86 -5.17
N PRO B 280 24.93 31.43 -5.65
CA PRO B 280 24.11 30.51 -4.85
C PRO B 280 24.72 29.12 -4.77
N ALA B 281 24.27 28.36 -3.79
CA ALA B 281 24.65 26.96 -3.64
C ALA B 281 23.51 26.09 -4.15
N ARG B 282 23.83 25.12 -4.99
CA ARG B 282 22.81 24.26 -5.58
C ARG B 282 23.19 22.79 -5.39
N ALA B 283 22.18 21.96 -5.18
CA ALA B 283 22.36 20.53 -5.08
C ALA B 283 21.19 19.83 -5.76
N ARG B 284 21.50 18.84 -6.59
CA ARG B 284 20.49 18.15 -7.38
C ARG B 284 20.02 16.88 -6.68
N ALA B 285 18.75 16.57 -6.86
CA ALA B 285 18.15 15.32 -6.40
C ALA B 285 17.27 14.78 -7.52
N PHE B 286 17.01 13.48 -7.48
CA PHE B 286 16.31 12.81 -8.57
C PHE B 286 15.29 11.83 -8.01
N LEU B 287 14.02 12.03 -8.37
CA LEU B 287 12.93 11.17 -7.93
C LEU B 287 12.55 10.21 -9.05
N SER B 288 12.57 8.92 -8.76
CA SER B 288 12.10 7.90 -9.68
C SER B 288 11.07 7.02 -8.97
N ILE B 289 10.30 6.29 -9.75
CA ILE B 289 9.19 5.50 -9.24
C ILE B 289 9.35 4.06 -9.70
N ILE B 290 9.22 3.13 -8.75
CA ILE B 290 9.31 1.70 -9.02
C ILE B 290 7.91 1.16 -9.25
N GLU B 291 7.74 0.40 -10.33
CA GLU B 291 6.48 -0.28 -10.59
C GLU B 291 6.61 -1.75 -10.23
N PRO B 292 5.86 -2.26 -9.26
CA PRO B 292 6.01 -3.68 -8.88
C PRO B 292 5.64 -4.58 -10.04
N PRO B 293 6.21 -5.77 -10.10
CA PRO B 293 6.06 -6.60 -11.30
C PRO B 293 4.64 -7.13 -11.47
N TYR B 294 4.36 -7.57 -12.70
CA TYR B 294 3.08 -8.19 -13.02
C TYR B 294 3.27 -9.06 -14.24
N PHE B 295 2.51 -10.15 -14.31
CA PHE B 295 2.64 -11.09 -15.40
C PHE B 295 1.84 -10.65 -16.61
N THR B 296 2.45 -10.80 -17.79
CA THR B 296 1.76 -10.64 -19.05
C THR B 296 1.52 -11.96 -19.77
N ALA B 297 2.21 -13.03 -19.36
CA ALA B 297 2.06 -14.34 -19.97
C ALA B 297 2.23 -15.39 -18.88
N GLU B 298 1.16 -16.13 -18.59
CA GLU B 298 1.19 -17.19 -17.60
C GLU B 298 0.88 -18.53 -18.26
N PRO B 299 1.43 -19.62 -17.76
CA PRO B 299 1.07 -20.94 -18.28
C PRO B 299 -0.29 -21.39 -17.76
N GLU B 300 -0.91 -22.29 -18.52
CA GLU B 300 -2.14 -22.92 -18.07
C GLU B 300 -1.88 -23.70 -16.79
N SER B 301 -2.95 -23.94 -16.02
CA SER B 301 -2.80 -24.53 -14.69
C SER B 301 -2.19 -25.92 -14.76
N ARG B 302 -2.68 -26.75 -15.67
CA ARG B 302 -2.16 -28.10 -15.87
C ARG B 302 -1.77 -28.29 -17.32
N ILE B 303 -0.64 -28.96 -17.54
CA ILE B 303 -0.07 -29.15 -18.87
C ILE B 303 0.24 -30.62 -19.05
N LEU B 304 -0.36 -31.24 -20.06
CA LEU B 304 -0.06 -32.63 -20.40
C LEU B 304 1.03 -32.69 -21.46
N GLY B 305 1.92 -33.67 -21.32
CA GLY B 305 3.02 -33.79 -22.25
C GLY B 305 3.37 -35.22 -22.62
N GLU B 306 3.67 -35.44 -23.90
CA GLU B 306 4.12 -36.74 -24.37
C GLU B 306 5.63 -36.83 -24.22
N VAL B 307 6.12 -38.03 -23.89
CA VAL B 307 7.55 -38.19 -23.70
C VAL B 307 8.29 -38.00 -25.01
N GLU B 308 9.57 -37.64 -24.91
CA GLU B 308 10.47 -37.36 -26.03
C GLU B 308 10.02 -36.15 -26.84
N GLU B 309 9.07 -35.36 -26.34
CA GLU B 309 8.62 -34.16 -27.02
C GLU B 309 9.30 -32.93 -26.43
N THR B 310 9.20 -31.82 -27.15
CA THR B 310 9.77 -30.55 -26.73
C THR B 310 8.66 -29.65 -26.17
N MET B 311 8.89 -29.08 -24.99
CA MET B 311 7.86 -28.33 -24.28
C MET B 311 8.32 -26.89 -24.05
N ASP B 312 7.39 -25.95 -24.21
CA ASP B 312 7.66 -24.53 -23.97
C ASP B 312 6.61 -24.00 -23.00
N ILE B 313 7.07 -23.58 -21.82
CA ILE B 313 6.20 -23.06 -20.77
C ILE B 313 6.35 -21.53 -20.75
N PRO B 314 5.33 -20.77 -21.13
CA PRO B 314 5.51 -19.31 -21.23
C PRO B 314 5.50 -18.65 -19.86
N CYS B 315 6.39 -17.67 -19.71
CA CYS B 315 6.37 -16.80 -18.53
C CYS B 315 7.07 -15.50 -18.91
N ARG B 316 6.28 -14.42 -19.02
CA ARG B 316 6.81 -13.09 -19.29
C ARG B 316 6.15 -12.11 -18.34
N ALA B 317 6.95 -11.16 -17.85
CA ALA B 317 6.47 -10.21 -16.84
C ALA B 317 7.04 -8.83 -17.13
N MET B 318 6.30 -7.82 -16.71
CA MET B 318 6.68 -6.43 -16.89
C MET B 318 6.73 -5.72 -15.53
N GLY B 319 7.35 -4.55 -15.54
CA GLY B 319 7.53 -3.75 -14.34
C GLY B 319 8.59 -2.70 -14.56
N VAL B 320 8.65 -1.76 -13.62
CA VAL B 320 9.65 -0.70 -13.66
C VAL B 320 10.46 -0.69 -12.38
N PRO B 321 11.74 -1.10 -12.45
CA PRO B 321 12.46 -1.58 -13.63
C PRO B 321 12.02 -2.95 -14.10
N LEU B 322 12.54 -3.41 -15.22
CA LEU B 322 12.13 -4.67 -15.80
C LEU B 322 12.33 -5.80 -14.80
N PRO B 323 11.33 -6.67 -14.58
CA PRO B 323 11.47 -7.72 -13.58
C PRO B 323 12.42 -8.81 -14.02
N THR B 324 12.88 -9.57 -13.04
CA THR B 324 13.74 -10.74 -13.27
C THR B 324 12.93 -12.00 -13.00
N LEU B 325 13.14 -13.01 -13.84
CA LEU B 325 12.40 -14.27 -13.72
C LEU B 325 13.29 -15.35 -13.12
N GLN B 326 12.71 -16.13 -12.22
CA GLN B 326 13.39 -17.24 -11.53
C GLN B 326 12.50 -18.46 -11.62
N TRP B 327 13.05 -19.55 -12.15
CA TRP B 327 12.29 -20.77 -12.40
C TRP B 327 12.62 -21.82 -11.35
N TYR B 328 11.58 -22.44 -10.79
CA TYR B 328 11.72 -23.53 -9.85
C TYR B 328 11.02 -24.78 -10.40
N LYS B 329 11.51 -25.95 -10.01
CA LYS B 329 10.80 -27.21 -10.21
C LYS B 329 10.67 -27.88 -8.85
N ASP B 330 9.43 -28.02 -8.37
CA ASP B 330 9.15 -28.61 -7.08
C ASP B 330 9.93 -27.93 -5.97
N ALA B 331 9.81 -26.59 -5.93
CA ALA B 331 10.47 -25.73 -4.94
C ALA B 331 11.98 -25.85 -4.98
N VAL B 332 12.55 -26.25 -6.12
CA VAL B 332 13.99 -26.31 -6.32
C VAL B 332 14.33 -25.38 -7.47
N PRO B 333 15.20 -24.38 -7.27
CA PRO B 333 15.60 -23.52 -8.39
C PRO B 333 16.31 -24.31 -9.47
N LEU B 334 15.89 -24.11 -10.72
CA LEU B 334 16.45 -24.85 -11.85
C LEU B 334 17.97 -24.70 -11.92
N SER B 335 18.50 -23.62 -11.35
CA SER B 335 19.95 -23.40 -11.36
C SER B 335 20.66 -24.55 -10.65
N LYS B 336 20.15 -24.96 -9.49
CA LYS B 336 20.78 -26.03 -8.73
C LYS B 336 20.45 -27.41 -9.28
N LEU B 337 19.35 -27.55 -10.03
CA LEU B 337 19.05 -28.83 -10.67
C LEU B 337 20.12 -29.19 -11.68
N GLN B 338 20.68 -28.20 -12.37
CA GLN B 338 21.75 -28.40 -13.34
C GLN B 338 21.33 -29.40 -14.42
N ASN B 339 20.07 -29.34 -14.80
CA ASN B 339 19.54 -30.19 -15.87
C ASN B 339 19.85 -29.55 -17.21
N PRO B 340 20.72 -30.13 -18.04
CA PRO B 340 21.08 -29.47 -19.29
C PRO B 340 19.93 -29.35 -20.27
N ARG B 341 18.96 -30.25 -20.20
CA ARG B 341 17.81 -30.21 -21.09
C ARG B 341 16.85 -29.07 -20.77
N TYR B 342 17.04 -28.37 -19.65
CA TYR B 342 16.23 -27.22 -19.29
C TYR B 342 16.99 -25.97 -19.73
N LYS B 343 16.52 -25.31 -20.78
CA LYS B 343 17.09 -24.05 -21.25
C LYS B 343 16.04 -22.96 -21.09
N VAL B 344 16.45 -21.85 -20.47
CA VAL B 344 15.54 -20.75 -20.17
C VAL B 344 15.67 -19.71 -21.27
N LEU B 345 14.55 -19.42 -21.94
CA LEU B 345 14.57 -18.48 -23.05
C LEU B 345 14.87 -17.06 -22.56
N PRO B 346 15.41 -16.20 -23.43
CA PRO B 346 15.65 -14.81 -23.01
C PRO B 346 14.37 -14.05 -22.75
N SER B 347 13.26 -14.42 -23.38
CA SER B 347 11.97 -13.82 -23.05
C SER B 347 11.53 -14.15 -21.63
N GLY B 348 12.06 -15.24 -21.07
CA GLY B 348 11.69 -15.69 -19.74
C GLY B 348 11.04 -17.06 -19.71
N GLY B 349 10.52 -17.54 -20.84
CA GLY B 349 9.87 -18.84 -20.86
C GLY B 349 10.85 -19.98 -20.67
N LEU B 350 10.30 -21.14 -20.32
CA LEU B 350 11.08 -22.34 -20.10
C LEU B 350 11.01 -23.23 -21.33
N HIS B 351 12.13 -23.86 -21.67
CA HIS B 351 12.24 -24.71 -22.85
C HIS B 351 12.84 -26.04 -22.45
N ILE B 352 12.11 -27.12 -22.68
CA ILE B 352 12.53 -28.47 -22.36
C ILE B 352 12.72 -29.23 -23.66
N GLN B 353 13.94 -29.72 -23.90
CA GLN B 353 14.31 -30.35 -25.16
C GLN B 353 13.57 -31.66 -25.37
N LYS B 354 13.97 -32.71 -24.64
CA LYS B 354 13.34 -34.01 -24.75
C LYS B 354 12.68 -34.34 -23.42
N LEU B 355 11.35 -34.49 -23.45
CA LEU B 355 10.61 -34.76 -22.23
C LEU B 355 10.86 -36.18 -21.74
N SER B 356 11.20 -36.31 -20.47
CA SER B 356 11.35 -37.59 -19.79
C SER B 356 10.36 -37.68 -18.64
N PRO B 357 9.97 -38.88 -18.23
CA PRO B 357 8.92 -39.01 -17.20
C PRO B 357 9.27 -38.31 -15.89
N GLU B 358 10.56 -38.15 -15.56
CA GLU B 358 10.94 -37.47 -14.34
C GLU B 358 10.79 -35.95 -14.44
N ASP B 359 10.40 -35.43 -15.59
CA ASP B 359 10.11 -34.01 -15.72
C ASP B 359 8.74 -33.63 -15.17
N SER B 360 7.92 -34.62 -14.79
CA SER B 360 6.62 -34.32 -14.22
C SER B 360 6.76 -33.62 -12.88
N GLY B 361 5.81 -32.74 -12.60
CA GLY B 361 5.84 -31.98 -11.36
C GLY B 361 5.49 -30.52 -11.53
N ILE B 362 5.54 -29.77 -10.43
CA ILE B 362 5.17 -28.37 -10.45
C ILE B 362 6.35 -27.54 -10.95
N PHE B 363 6.08 -26.65 -11.90
CA PHE B 363 7.03 -25.64 -12.32
C PHE B 363 6.51 -24.27 -11.88
N GLN B 364 7.43 -23.42 -11.42
CA GLN B 364 7.08 -22.15 -10.80
C GLN B 364 7.92 -21.04 -11.39
N CYS B 365 7.30 -19.88 -11.60
CA CYS B 365 7.96 -18.72 -12.18
C CYS B 365 7.77 -17.53 -11.25
N PHE B 366 8.87 -16.92 -10.85
CA PHE B 366 8.86 -15.78 -9.94
C PHE B 366 9.40 -14.55 -10.64
N ALA B 367 8.62 -13.47 -10.64
CA ALA B 367 9.03 -12.19 -11.19
C ALA B 367 9.35 -11.24 -10.05
N SER B 368 10.54 -10.65 -10.09
CA SER B 368 11.07 -9.87 -8.98
C SER B 368 11.51 -8.49 -9.46
N ASN B 369 11.15 -7.47 -8.67
CA ASN B 369 11.59 -6.10 -8.84
C ASN B 369 12.36 -5.65 -7.61
N GLU B 370 12.76 -4.38 -7.61
CA GLU B 370 13.21 -3.75 -6.38
C GLU B 370 12.05 -3.42 -5.46
N GLY B 371 10.81 -3.63 -5.90
CA GLY B 371 9.67 -3.29 -5.10
C GLY B 371 8.49 -4.25 -5.21
N GLY B 372 8.76 -5.53 -5.48
CA GLY B 372 7.68 -6.49 -5.51
C GLY B 372 8.15 -7.84 -6.00
N GLU B 373 7.25 -8.81 -5.88
CA GLU B 373 7.51 -10.16 -6.34
C GLU B 373 6.17 -10.84 -6.59
N VAL B 374 6.00 -11.45 -7.77
CA VAL B 374 4.79 -12.17 -8.12
C VAL B 374 5.15 -13.57 -8.57
N GLN B 375 4.18 -14.49 -8.44
CA GLN B 375 4.40 -15.90 -8.67
C GLN B 375 3.30 -16.48 -9.55
N THR B 376 3.70 -17.34 -10.49
CA THR B 376 2.76 -18.18 -11.21
C THR B 376 3.32 -19.61 -11.20
N HIS B 377 2.45 -20.58 -11.47
CA HIS B 377 2.89 -21.97 -11.45
C HIS B 377 1.99 -22.81 -12.34
N THR B 378 2.48 -24.02 -12.65
CA THR B 378 1.74 -24.99 -13.43
C THR B 378 2.15 -26.38 -13.00
N TYR B 379 1.27 -27.34 -13.24
CA TYR B 379 1.59 -28.76 -13.04
C TYR B 379 1.84 -29.40 -14.41
N LEU B 380 3.06 -29.90 -14.60
CA LEU B 380 3.41 -30.61 -15.82
C LEU B 380 3.21 -32.11 -15.61
N ASP B 381 2.42 -32.72 -16.48
CA ASP B 381 2.09 -34.14 -16.40
C ASP B 381 2.63 -34.82 -17.64
N VAL B 382 3.69 -35.60 -17.46
CA VAL B 382 4.32 -36.35 -18.54
C VAL B 382 3.93 -37.82 -18.39
N THR B 383 3.29 -38.36 -19.41
CA THR B 383 2.83 -39.73 -19.41
C THR B 383 3.29 -40.45 -20.66
N ASN B 384 3.28 -41.78 -20.61
CA ASN B 384 3.66 -42.61 -21.74
C ASN B 384 2.42 -42.99 -22.55
N ILE B 385 2.64 -43.21 -23.84
CA ILE B 385 1.57 -43.62 -24.75
C ILE B 385 1.99 -44.93 -25.40
N ALA B 386 1.18 -45.97 -25.19
CA ALA B 386 1.43 -47.25 -25.81
C ALA B 386 1.17 -47.17 -27.31
N PRO B 387 1.86 -47.97 -28.11
CA PRO B 387 1.70 -47.87 -29.56
C PRO B 387 0.32 -48.32 -30.00
N ALA B 388 -0.21 -47.65 -31.02
CA ALA B 388 -1.50 -47.98 -31.59
C ALA B 388 -1.43 -47.77 -33.10
N PHE B 389 -2.32 -48.45 -33.82
CA PHE B 389 -2.33 -48.36 -35.28
C PHE B 389 -3.24 -47.23 -35.72
N THR B 390 -2.67 -46.22 -36.38
CA THR B 390 -3.51 -45.24 -37.05
C THR B 390 -4.09 -45.82 -38.33
N GLN B 391 -3.31 -46.65 -39.03
CA GLN B 391 -3.80 -47.38 -40.19
C GLN B 391 -2.97 -48.64 -40.34
N ARG B 392 -3.64 -49.80 -40.32
CA ARG B 392 -2.96 -51.07 -40.41
C ARG B 392 -2.72 -51.46 -41.87
N PRO B 393 -1.71 -52.30 -42.13
CA PRO B 393 -1.47 -52.76 -43.50
C PRO B 393 -2.58 -53.66 -44.00
N VAL B 394 -2.86 -53.54 -45.30
CA VAL B 394 -3.95 -54.27 -45.93
C VAL B 394 -3.38 -55.22 -46.98
N ASP B 395 -4.13 -56.28 -47.25
CA ASP B 395 -3.75 -57.22 -48.29
C ASP B 395 -3.74 -56.52 -49.65
N THR B 396 -2.67 -56.71 -50.40
CA THR B 396 -2.51 -56.05 -51.69
C THR B 396 -1.99 -57.03 -52.73
N THR B 397 -2.28 -56.72 -53.99
CA THR B 397 -1.77 -57.45 -55.14
C THR B 397 -0.98 -56.48 -56.00
N VAL B 398 0.26 -56.87 -56.34
CA VAL B 398 1.16 -56.00 -57.09
C VAL B 398 1.72 -56.77 -58.28
N THR B 399 1.74 -56.12 -59.44
CA THR B 399 2.25 -56.73 -60.66
C THR B 399 3.75 -56.95 -60.54
N ASP B 400 4.22 -58.05 -61.13
CA ASP B 400 5.64 -58.39 -61.13
C ASP B 400 6.45 -57.24 -61.72
N GLY B 401 7.60 -56.97 -61.10
CA GLY B 401 8.54 -55.99 -61.60
C GLY B 401 8.27 -54.56 -61.16
N MET B 402 7.07 -54.26 -60.71
CA MET B 402 6.74 -52.91 -60.26
C MET B 402 6.92 -52.81 -58.75
N THR B 403 7.00 -51.57 -58.27
CA THR B 403 7.22 -51.34 -56.84
C THR B 403 5.94 -51.63 -56.05
N ALA B 404 6.13 -51.94 -54.77
CA ALA B 404 5.03 -52.23 -53.87
C ALA B 404 5.25 -51.53 -52.53
N VAL B 405 4.18 -51.04 -51.94
CA VAL B 405 4.23 -50.30 -50.68
C VAL B 405 3.16 -50.83 -49.75
N LEU B 406 3.56 -51.18 -48.53
CA LEU B 406 2.63 -51.53 -47.45
C LEU B 406 2.81 -50.51 -46.34
N ARG B 407 1.72 -49.84 -45.96
CA ARG B 407 1.76 -48.85 -44.90
C ARG B 407 1.42 -49.50 -43.56
N CYS B 408 2.10 -49.05 -42.50
CA CYS B 408 1.92 -49.57 -41.14
C CYS B 408 2.20 -48.41 -40.17
N GLU B 409 1.27 -47.46 -40.12
CA GLU B 409 1.48 -46.23 -39.37
C GLU B 409 1.00 -46.42 -37.93
N VAL B 410 1.89 -46.12 -36.98
CA VAL B 410 1.60 -46.28 -35.57
C VAL B 410 1.88 -44.97 -34.83
N SER B 411 1.11 -44.74 -33.77
CA SER B 411 1.27 -43.59 -32.90
C SER B 411 1.65 -44.09 -31.52
N GLY B 412 2.66 -43.47 -30.93
CA GLY B 412 3.12 -43.87 -29.62
C GLY B 412 4.15 -42.90 -29.08
N ALA B 413 4.32 -42.94 -27.76
CA ALA B 413 5.29 -42.09 -27.09
C ALA B 413 6.20 -42.92 -26.19
N PRO B 414 7.50 -43.01 -26.54
CA PRO B 414 8.11 -42.37 -27.71
C PRO B 414 7.76 -43.07 -29.04
N LYS B 415 8.32 -42.59 -30.14
CA LYS B 415 7.98 -43.13 -31.44
C LYS B 415 8.21 -44.64 -31.47
N PRO B 416 7.22 -45.44 -31.86
CA PRO B 416 7.40 -46.89 -31.84
C PRO B 416 8.41 -47.35 -32.89
N ALA B 417 9.26 -48.28 -32.49
CA ALA B 417 10.19 -48.90 -33.42
C ALA B 417 9.42 -49.88 -34.31
N ILE B 418 9.51 -49.67 -35.62
CA ILE B 418 8.76 -50.44 -36.60
C ILE B 418 9.70 -51.42 -37.28
N THR B 419 9.30 -52.70 -37.32
CA THR B 419 10.09 -53.76 -37.91
C THR B 419 9.22 -54.55 -38.86
N TRP B 420 9.59 -54.55 -40.15
CA TRP B 420 8.89 -55.30 -41.19
C TRP B 420 9.60 -56.63 -41.40
N LYS B 421 8.87 -57.73 -41.15
CA LYS B 421 9.41 -59.07 -41.34
C LYS B 421 8.43 -59.93 -42.10
N ARG B 422 8.97 -60.88 -42.86
CA ARG B 422 8.18 -61.84 -43.64
C ARG B 422 8.45 -63.23 -43.07
N GLY B 423 7.46 -63.78 -42.37
CA GLY B 423 7.62 -65.07 -41.72
C GLY B 423 8.70 -65.08 -40.66
N ASN B 424 9.70 -65.93 -40.85
CA ASN B 424 10.77 -66.06 -39.86
C ASN B 424 11.94 -65.12 -40.10
N HIS B 425 12.08 -64.58 -41.31
CA HIS B 425 13.16 -63.67 -41.63
C HIS B 425 12.67 -62.23 -41.53
N ILE B 426 13.60 -61.33 -41.20
CA ILE B 426 13.31 -59.90 -41.11
C ILE B 426 13.83 -59.24 -42.37
N LEU B 427 13.02 -58.36 -42.97
CA LEU B 427 13.38 -57.67 -44.18
C LEU B 427 13.85 -56.24 -43.95
N ALA B 428 13.20 -55.50 -43.05
CA ALA B 428 13.61 -54.12 -42.84
C ALA B 428 13.31 -53.71 -41.41
N SER B 429 14.13 -52.79 -40.89
CA SER B 429 13.96 -52.26 -39.55
C SER B 429 14.75 -50.96 -39.48
N GLY B 430 14.70 -50.31 -38.31
CA GLY B 430 15.58 -49.17 -38.07
C GLY B 430 17.03 -49.58 -38.08
N SER B 431 17.36 -50.64 -37.32
CA SER B 431 18.70 -51.18 -37.35
C SER B 431 19.07 -51.66 -38.74
N VAL B 432 18.15 -52.37 -39.41
CA VAL B 432 18.44 -53.03 -40.67
C VAL B 432 17.48 -52.52 -41.74
N ARG B 433 18.01 -51.72 -42.67
CA ARG B 433 17.34 -51.38 -43.91
C ARG B 433 18.40 -51.48 -45.00
N ILE B 434 18.89 -52.70 -45.22
CA ILE B 434 20.06 -52.95 -46.04
C ILE B 434 19.90 -54.04 -47.11
N PRO B 435 18.84 -54.90 -47.13
CA PRO B 435 18.85 -55.98 -48.12
C PRO B 435 17.91 -55.81 -49.30
N ARG B 436 18.38 -56.17 -50.49
CA ARG B 436 17.54 -56.32 -51.69
C ARG B 436 16.71 -55.07 -51.97
N PHE B 437 17.26 -53.90 -51.64
CA PHE B 437 16.59 -52.62 -51.81
C PHE B 437 15.15 -52.66 -51.26
N MET B 438 14.98 -53.39 -50.17
CA MET B 438 13.75 -53.31 -49.37
C MET B 438 13.93 -52.16 -48.39
N LEU B 439 13.19 -51.08 -48.61
CA LEU B 439 13.41 -49.83 -47.90
C LEU B 439 12.33 -49.63 -46.85
N LEU B 440 12.76 -49.21 -45.65
CA LEU B 440 11.84 -48.78 -44.61
C LEU B 440 11.71 -47.27 -44.69
N GLU B 441 10.51 -46.78 -44.98
CA GLU B 441 10.20 -45.37 -44.96
C GLU B 441 9.31 -45.08 -43.75
N SER B 442 9.18 -43.79 -43.44
CA SER B 442 8.38 -43.38 -42.29
C SER B 442 6.97 -43.94 -42.37
N GLY B 443 6.67 -44.92 -41.53
CA GLY B 443 5.36 -45.50 -41.44
C GLY B 443 5.16 -46.79 -42.20
N GLY B 444 6.09 -47.20 -43.06
CA GLY B 444 5.80 -48.39 -43.83
C GLY B 444 7.00 -48.91 -44.60
N LEU B 445 6.77 -50.02 -45.30
CA LEU B 445 7.79 -50.73 -46.05
C LEU B 445 7.50 -50.62 -47.55
N ARG B 446 8.56 -50.45 -48.34
CA ARG B 446 8.46 -50.41 -49.79
C ARG B 446 9.50 -51.34 -50.39
N ILE B 447 9.06 -52.23 -51.27
CA ILE B 447 9.95 -53.15 -51.97
C ILE B 447 9.93 -52.79 -53.44
N ALA B 448 11.12 -52.61 -54.02
CA ALA B 448 11.24 -52.13 -55.39
C ALA B 448 12.53 -52.58 -56.05
N PRO B 449 12.43 -53.39 -57.11
CA PRO B 449 11.15 -53.90 -57.64
C PRO B 449 10.65 -55.12 -56.87
N VAL B 450 9.58 -55.74 -57.37
CA VAL B 450 8.96 -56.89 -56.71
C VAL B 450 8.98 -58.06 -57.68
N PHE B 451 9.63 -59.15 -57.30
CA PHE B 451 9.57 -60.40 -58.02
C PHE B 451 8.51 -61.30 -57.39
N ILE B 452 8.24 -62.42 -58.07
CA ILE B 452 7.31 -63.40 -57.50
C ILE B 452 7.91 -64.02 -56.24
N GLN B 453 9.23 -64.07 -56.15
CA GLN B 453 9.89 -64.58 -54.95
C GLN B 453 9.60 -63.73 -53.72
N ASP B 454 9.18 -62.47 -53.91
CA ASP B 454 8.82 -61.61 -52.79
C ASP B 454 7.39 -61.82 -52.32
N ALA B 455 6.60 -62.63 -53.04
CA ALA B 455 5.20 -62.81 -52.68
C ALA B 455 5.07 -63.47 -51.30
N GLY B 456 3.87 -63.37 -50.74
CA GLY B 456 3.59 -63.89 -49.41
C GLY B 456 3.04 -62.81 -48.51
N ASN B 457 2.77 -63.21 -47.26
CA ASN B 457 2.19 -62.32 -46.28
C ASN B 457 3.25 -61.76 -45.35
N TYR B 458 3.07 -60.50 -44.96
CA TYR B 458 4.06 -59.72 -44.23
C TYR B 458 3.47 -59.26 -42.90
N THR B 459 4.35 -59.13 -41.91
CA THR B 459 3.96 -58.70 -40.57
C THR B 459 4.80 -57.51 -40.15
N CYS B 460 4.12 -56.50 -39.62
CA CYS B 460 4.71 -55.26 -39.13
C CYS B 460 4.62 -55.28 -37.61
N TYR B 461 5.78 -55.16 -36.95
CA TYR B 461 5.89 -55.19 -35.49
C TYR B 461 6.33 -53.81 -35.01
N ALA B 462 5.43 -53.09 -34.36
CA ALA B 462 5.74 -51.78 -33.79
C ALA B 462 5.77 -51.90 -32.27
N ALA B 463 6.92 -51.64 -31.68
CA ALA B 463 7.12 -51.83 -30.25
C ALA B 463 7.57 -50.53 -29.59
N ASN B 464 7.14 -50.35 -28.34
CA ASN B 464 7.48 -49.19 -27.53
C ASN B 464 7.94 -49.66 -26.16
N THR B 465 8.36 -48.71 -25.32
CA THR B 465 8.76 -49.06 -23.97
C THR B 465 7.60 -49.56 -23.12
N GLU B 466 6.36 -49.33 -23.58
CA GLU B 466 5.17 -49.73 -22.84
C GLU B 466 4.55 -51.02 -23.36
N ALA B 467 4.44 -51.18 -24.67
CA ALA B 467 3.80 -52.37 -25.25
C ALA B 467 4.32 -52.58 -26.66
N SER B 468 3.80 -53.62 -27.31
CA SER B 468 4.17 -53.97 -28.67
C SER B 468 2.93 -54.47 -29.39
N VAL B 469 2.85 -54.17 -30.70
CA VAL B 469 1.68 -54.51 -31.49
C VAL B 469 2.12 -55.05 -32.86
N ASN B 470 1.27 -55.89 -33.42
CA ASN B 470 1.54 -56.64 -34.65
C ASN B 470 0.40 -56.41 -35.64
N ALA B 471 0.75 -56.36 -36.92
CA ALA B 471 -0.25 -56.21 -37.97
C ALA B 471 0.16 -57.04 -39.18
N SER B 472 -0.78 -57.84 -39.69
CA SER B 472 -0.52 -58.77 -40.77
C SER B 472 -1.24 -58.34 -42.03
N ALA B 473 -0.63 -58.61 -43.18
CA ALA B 473 -1.25 -58.28 -44.46
C ALA B 473 -0.60 -59.12 -45.56
N MET B 474 -1.42 -59.77 -46.38
CA MET B 474 -0.92 -60.66 -47.42
C MET B 474 -0.70 -59.91 -48.73
N LEU B 475 0.44 -60.14 -49.36
CA LEU B 475 0.81 -59.54 -50.62
C LEU B 475 0.92 -60.64 -51.68
N THR B 476 0.15 -60.51 -52.75
CA THR B 476 0.20 -61.44 -53.87
C THR B 476 0.81 -60.75 -55.08
N VAL B 477 1.73 -61.43 -55.73
CA VAL B 477 2.45 -60.88 -56.88
C VAL B 477 1.84 -61.46 -58.15
N TRP B 478 1.37 -60.58 -59.03
CA TRP B 478 0.78 -61.04 -60.28
C TRP B 478 1.84 -61.13 -61.38
N ASN B 479 1.54 -61.96 -62.38
CA ASN B 479 2.49 -62.19 -63.46
C ASN B 479 2.66 -60.93 -64.31
N ARG B 480 3.85 -60.77 -64.85
CA ARG B 480 4.18 -59.61 -65.67
C ARG B 480 3.37 -59.59 -66.96
C1 NAG C . -24.28 -2.03 -8.09
C2 NAG C . -25.76 -2.09 -7.67
C3 NAG C . -26.62 -1.23 -8.59
C4 NAG C . -26.05 0.18 -8.74
C5 NAG C . -24.61 0.07 -9.20
C6 NAG C . -23.93 1.42 -9.30
C7 NAG C . -26.27 -4.24 -6.58
C8 NAG C . -26.80 -5.63 -6.78
N2 NAG C . -26.24 -3.45 -7.67
O3 NAG C . -27.95 -1.16 -8.07
O4 NAG C . -26.81 0.94 -9.67
O5 NAG C . -23.87 -0.68 -8.24
O6 NAG C . -23.57 1.90 -8.01
O7 NAG C . -25.89 -3.84 -5.48
C1 FUC C . -22.22 2.39 -8.02
C2 FUC C . -22.04 3.22 -6.76
C3 FUC C . -22.02 2.31 -5.52
C4 FUC C . -20.94 1.24 -5.66
C5 FUC C . -21.12 0.49 -6.99
C6 FUC C . -19.95 -0.45 -7.31
O2 FUC C . -23.09 4.16 -6.65
O3 FUC C . -21.70 3.09 -4.37
O4 FUC C . -19.65 1.84 -5.61
O5 FUC C . -21.25 1.39 -8.12
C1 NAG D . -15.37 0.82 19.14
C2 NAG D . -15.73 -0.49 19.83
C3 NAG D . -15.63 -1.66 18.86
C4 NAG D . -16.38 -1.37 17.56
C5 NAG D . -15.99 -0.01 17.00
C6 NAG D . -16.80 0.42 15.81
C7 NAG D . -15.25 -1.43 22.05
C8 NAG D . -14.23 -1.55 23.15
N2 NAG D . -14.88 -0.71 20.99
O3 NAG D . -16.17 -2.83 19.47
O4 NAG D . -16.04 -2.38 16.61
O5 NAG D . -16.18 1.00 18.02
O6 NAG D . -17.29 1.75 15.97
O7 NAG D . -16.35 -1.96 22.12
C1 NAG D . -17.20 -2.97 15.99
C2 NAG D . -16.69 -3.78 14.79
C3 NAG D . -17.87 -4.44 14.06
C4 NAG D . -18.71 -5.25 15.03
C5 NAG D . -19.13 -4.37 16.21
C6 NAG D . -19.87 -5.14 17.29
C7 NAG D . -14.58 -2.95 13.84
C8 NAG D . -13.89 -3.89 14.77
N2 NAG D . -15.92 -2.95 13.89
O3 NAG D . -17.36 -5.28 13.03
O4 NAG D . -19.87 -5.74 14.39
O5 NAG D . -17.96 -3.81 16.85
O6 NAG D . -19.01 -5.49 18.37
O7 NAG D . -13.96 -2.23 13.05
C1 NAG E . 17.46 -12.50 7.12
C2 NAG E . 18.51 -12.07 8.13
C3 NAG E . 18.19 -10.66 8.64
C4 NAG E . 18.01 -9.69 7.48
C5 NAG E . 17.01 -10.25 6.46
C6 NAG E . 16.92 -9.42 5.21
C7 NAG E . 19.62 -13.84 9.39
C8 NAG E . 19.54 -14.76 10.58
N2 NAG E . 18.58 -13.01 9.23
O3 NAG E . 19.24 -10.22 9.49
O4 NAG E . 17.53 -8.44 7.94
O5 NAG E . 17.41 -11.56 6.06
O6 NAG E . 18.08 -9.55 4.41
O7 NAG E . 20.56 -13.86 8.61
C1 NAG E . 18.60 -7.47 7.88
C2 NAG E . 18.06 -6.05 7.71
C3 NAG E . 19.22 -5.05 7.63
C4 NAG E . 20.13 -5.21 8.84
C5 NAG E . 20.58 -6.66 8.99
C6 NAG E . 21.38 -6.91 10.25
C7 NAG E . 17.56 -6.09 5.29
C8 NAG E . 16.48 -5.91 4.26
N2 NAG E . 17.18 -5.93 6.56
O3 NAG E . 18.71 -3.73 7.55
O4 NAG E . 21.27 -4.36 8.69
O5 NAG E . 19.45 -7.53 9.04
O6 NAG E . 20.63 -7.68 11.18
O7 NAG E . 18.72 -6.37 4.98
C1 NAG F . 21.01 10.24 -9.15
C2 NAG F . 22.50 9.94 -9.20
C3 NAG F . 23.11 10.62 -10.42
C4 NAG F . 22.40 10.17 -11.69
C5 NAG F . 20.88 10.35 -11.56
C6 NAG F . 20.13 9.66 -12.67
C7 NAG F . 23.79 9.49 -7.17
C8 NAG F . 23.75 8.04 -7.58
N2 NAG F . 23.18 10.36 -7.99
O3 NAG F . 24.50 10.30 -10.50
O4 NAG F . 22.86 10.90 -12.81
O5 NAG F . 20.38 9.78 -10.34
O6 NAG F . 19.98 8.28 -12.37
O7 NAG F . 24.37 9.86 -6.14
C1 FUC F . 18.63 7.82 -12.58
C2 FUC F . 18.43 6.47 -11.89
C3 FUC F . 18.49 6.63 -10.38
C4 FUC F . 17.48 7.68 -9.86
C5 FUC F . 17.25 8.90 -10.82
C6 FUC F . 15.78 9.32 -10.86
O2 FUC F . 19.39 5.54 -12.30
O3 FUC F . 18.13 5.38 -9.78
O4 FUC F . 16.26 7.05 -9.53
O5 FUC F . 17.63 8.74 -12.23
C1 NAG G . -6.82 -29.12 14.46
C2 NAG G . -5.59 -29.67 13.75
C3 NAG G . -4.98 -30.82 14.55
C4 NAG G . -4.71 -30.40 15.98
C5 NAG G . -5.99 -29.83 16.61
C6 NAG G . -5.76 -29.28 18.00
C7 NAG G . -6.72 -31.04 12.03
C8 NAG G . -6.86 -31.31 10.57
N2 NAG G . -5.88 -30.07 12.38
O3 NAG G . -3.77 -31.25 13.93
O4 NAG G . -4.26 -31.51 16.74
O5 NAG G . -6.49 -28.75 15.81
O6 NAG G . -6.12 -27.90 18.06
O7 NAG G . -7.37 -31.69 12.87
C1 NAG H . 0.81 75.41 23.62
C2 NAG H . 2.31 75.72 23.64
C3 NAG H . 2.70 76.30 25.00
C4 NAG H . 1.82 77.48 25.37
C5 NAG H . 0.35 77.09 25.26
C6 NAG H . -0.59 78.26 25.48
C7 NAG H . 4.33 74.57 22.85
C8 NAG H . 4.99 73.25 22.60
N2 NAG H . 3.08 74.54 23.33
O3 NAG H . 4.07 76.72 24.95
O4 NAG H . 2.10 77.91 26.69
O5 NAG H . 0.07 76.59 23.94
O6 NAG H . -1.26 78.62 24.28
O7 NAG H . 4.91 75.64 22.63
C1 NAG I . 0.65 62.13 27.72
C2 NAG I . 0.13 61.35 28.94
C3 NAG I . 1.21 61.22 30.01
C4 NAG I . 2.50 60.66 29.42
C5 NAG I . 2.93 61.51 28.22
C6 NAG I . 4.15 60.97 27.51
C7 NAG I . -1.14 63.08 30.19
C8 NAG I . -2.50 63.49 30.67
N2 NAG I . -1.08 61.94 29.49
O3 NAG I . 0.76 60.37 31.06
O4 NAG I . 3.53 60.70 30.40
O5 NAG I . 1.87 61.54 27.24
O6 NAG I . 3.86 59.76 26.82
O7 NAG I . -0.13 63.76 30.42
C1 GOL J . 0.71 -9.55 16.43
O1 GOL J . 0.77 -10.32 17.60
C2 GOL J . 1.42 -8.22 16.67
O2 GOL J . 0.56 -7.35 17.36
C3 GOL J . 2.65 -8.44 17.53
O3 GOL J . 3.21 -7.17 17.80
S SO4 K . -12.52 12.33 13.89
O1 SO4 K . -12.89 12.87 12.59
O2 SO4 K . -13.06 13.17 14.94
O3 SO4 K . -13.06 10.97 14.03
O4 SO4 K . -11.06 12.29 14.00
C1 NAG L . 1.20 -60.08 -31.09
C2 NAG L . -0.29 -60.33 -30.83
C3 NAG L . -0.50 -60.81 -29.39
C4 NAG L . 0.40 -62.00 -29.08
C5 NAG L . 1.85 -61.67 -29.40
C6 NAG L . 2.79 -62.83 -29.22
C7 NAG L . -2.37 -59.16 -31.40
C8 NAG L . -3.02 -57.82 -31.64
N2 NAG L . -1.08 -59.14 -31.08
O3 NAG L . -1.87 -61.18 -29.20
O4 NAG L . 0.28 -62.35 -27.70
O5 NAG L . 1.96 -61.25 -30.78
O6 NAG L . 2.46 -63.91 -30.09
O7 NAG L . -3.00 -60.20 -31.52
C1 NAG M . 12.61 7.95 29.62
C2 NAG M . 13.97 8.16 30.30
C3 NAG M . 13.78 8.58 31.75
C4 NAG M . 12.88 9.80 31.84
C5 NAG M . 11.55 9.52 31.16
C6 NAG M . 10.63 10.72 31.12
C7 NAG M . 16.09 6.97 29.93
C8 NAG M . 16.77 5.65 29.89
N2 NAG M . 14.77 6.96 30.21
O3 NAG M . 15.04 8.88 32.32
O4 NAG M . 12.64 10.13 33.21
O5 NAG M . 11.79 9.14 29.80
O6 NAG M . 11.34 11.92 31.37
O7 NAG M . 16.69 8.03 29.73
C1 GOL N . 6.22 24.00 10.53
O1 GOL N . 5.49 22.84 10.26
C2 GOL N . 6.54 24.73 9.24
O2 GOL N . 6.98 23.79 8.29
C3 GOL N . 7.63 25.79 9.46
O3 GOL N . 7.14 26.85 10.24
S SO4 O . 18.12 30.63 18.13
O1 SO4 O . 17.34 29.50 17.63
O2 SO4 O . 17.37 31.87 17.91
O3 SO4 O . 19.39 30.71 17.41
O4 SO4 O . 18.37 30.47 19.56
S SO4 P . -2.86 -27.19 -9.86
O1 SO4 P . -2.93 -26.43 -11.11
O2 SO4 P . -4.03 -26.87 -9.04
O3 SO4 P . -2.86 -28.61 -10.17
O4 SO4 P . -1.65 -26.81 -9.14
#